data_7AYA
#
_entry.id   7AYA
#
_cell.length_a   127.140
_cell.length_b   127.140
_cell.length_c   124.750
_cell.angle_alpha   90.000
_cell.angle_beta   90.000
_cell.angle_gamma   90.000
#
_symmetry.space_group_name_H-M   'P 43 21 2'
#
loop_
_entity.id
_entity.type
_entity.pdbx_description
1 polymer 'Casein kinase II subunit alpha'
2 non-polymer 'SULFATE ION'
3 non-polymer 1,2-ETHANEDIOL
4 non-polymer ~{N}-[2-[(1~{R},2~{R})-2-(aminomethyl)cyclopropyl]-5-[[3-cyano-7-(cyclopropylamino)pyrazolo[1,5-a]pyrimidin-5-yl]amino]phenyl]ethanamide
5 water water
#
_entity_poly.entity_id   1
_entity_poly.type   'polypeptide(L)'
_entity_poly.pdbx_seq_one_letter_code
;MSGPVPSRARVYTDVNTHRPREYWDYESHVVEWGNQDDYQLVRKLGRGKYSEVFEAINITNNEKVVVKILKPVKKKKIKR
EIKILENLRGGPNIITLADIVKDPVSRTPALVFEHVNNTDFKQLYQTLTDYDIRFYMYEILKALDYCHSMGIMHRDVKPH
NVMIDHEHRKLRLIDWGLAEFYHPGQEYNVRVASRYFKGPELLVDYQMYDYSLDMWSLGCMLASMIFRKEPFFHGHDNYD
QLVRIAKVLGTEDLYDYIDKYNIELDPRFNDILGRHSRKRWERFVHSENQHLVSPEALDFLDKLLRYDHQSRLTAREAME
HPYFYTVVKDQARMGSHHHHHH
;
_entity_poly.pdbx_strand_id   A,B
#
loop_
_chem_comp.id
_chem_comp.type
_chem_comp.name
_chem_comp.formula
EDO non-polymer 1,2-ETHANEDIOL 'C2 H6 O2'
S8W non-polymer ~{N}-[2-[(1~{R},2~{R})-2-(aminomethyl)cyclopropyl]-5-[[3-cyano-7-(cyclopropylamino)pyrazolo[1,5-a]pyrimidin-5-yl]amino]phenyl]ethanamide 'C22 H24 N8 O'
SO4 non-polymer 'SULFATE ION' 'O4 S -2'
#
# COMPACT_ATOMS: atom_id res chain seq x y z
N SER A 2 4.52 -33.71 -7.62
CA SER A 2 3.29 -33.81 -6.81
C SER A 2 2.54 -32.47 -6.73
N GLY A 3 1.21 -32.54 -6.90
CA GLY A 3 0.35 -31.37 -6.81
C GLY A 3 -0.21 -31.21 -5.41
N PRO A 4 -1.11 -30.22 -5.15
CA PRO A 4 -1.65 -30.08 -3.79
C PRO A 4 -2.77 -31.08 -3.48
N VAL A 5 -2.83 -31.55 -2.23
CA VAL A 5 -3.82 -32.51 -1.73
C VAL A 5 -5.22 -31.87 -1.81
N PRO A 6 -6.25 -32.52 -2.42
CA PRO A 6 -7.58 -31.91 -2.45
C PRO A 6 -8.26 -31.82 -1.08
N SER A 7 -9.29 -30.99 -0.99
CA SER A 7 -10.07 -30.76 0.22
C SER A 7 -11.54 -30.60 -0.12
N ARG A 8 -12.41 -30.99 0.82
CA ARG A 8 -13.86 -30.88 0.76
C ARG A 8 -14.33 -30.17 2.02
N ALA A 9 -15.46 -29.45 1.92
CA ALA A 9 -16.11 -28.82 3.09
C ALA A 9 -16.59 -29.97 4.00
N ARG A 10 -16.38 -29.78 5.29
CA ARG A 10 -16.72 -30.69 6.39
C ARG A 10 -18.26 -30.74 6.59
N VAL A 11 -18.96 -29.63 6.24
CA VAL A 11 -20.42 -29.47 6.34
C VAL A 11 -20.95 -28.88 5.04
N TYR A 12 -22.22 -29.18 4.72
CA TYR A 12 -22.96 -28.69 3.55
C TYR A 12 -22.16 -28.87 2.26
N THR A 13 -21.47 -29.99 2.12
CA THR A 13 -20.60 -30.32 1.00
C THR A 13 -21.33 -30.37 -0.35
N ASP A 14 -22.48 -31.05 -0.40
CA ASP A 14 -23.15 -31.28 -1.67
C ASP A 14 -24.48 -30.60 -1.80
N VAL A 15 -24.74 -29.56 -1.00
CA VAL A 15 -26.01 -28.81 -1.01
C VAL A 15 -26.36 -28.32 -2.44
N ASN A 16 -25.37 -27.84 -3.22
CA ASN A 16 -25.58 -27.37 -4.59
C ASN A 16 -25.74 -28.50 -5.60
N THR A 17 -25.11 -29.64 -5.33
CA THR A 17 -25.21 -30.84 -6.14
C THR A 17 -26.66 -31.37 -6.11
N HIS A 18 -27.30 -31.30 -4.94
CA HIS A 18 -28.68 -31.75 -4.75
C HIS A 18 -29.73 -30.75 -5.25
N ARG A 19 -29.30 -29.50 -5.56
CA ARG A 19 -30.15 -28.41 -6.08
CA ARG A 19 -30.17 -28.44 -6.06
C ARG A 19 -30.28 -28.50 -7.61
N PRO A 20 -31.39 -28.00 -8.24
CA PRO A 20 -31.43 -28.00 -9.73
C PRO A 20 -30.32 -27.04 -10.23
N ARG A 21 -29.65 -27.33 -11.36
CA ARG A 21 -28.53 -26.50 -11.86
C ARG A 21 -28.82 -24.99 -11.89
N GLU A 22 -30.07 -24.55 -12.18
CA GLU A 22 -30.40 -23.12 -12.27
C GLU A 22 -30.19 -22.41 -10.95
N TYR A 23 -30.15 -23.14 -9.82
CA TYR A 23 -29.91 -22.56 -8.50
C TYR A 23 -28.53 -21.88 -8.45
N TRP A 24 -27.51 -22.59 -8.92
CA TRP A 24 -26.10 -22.16 -8.87
C TRP A 24 -25.50 -21.72 -10.23
N ASP A 25 -26.14 -22.09 -11.37
CA ASP A 25 -25.65 -21.74 -12.70
C ASP A 25 -26.07 -20.32 -13.03
N TYR A 26 -25.44 -19.36 -12.35
CA TYR A 26 -25.74 -17.94 -12.43
C TYR A 26 -25.46 -17.30 -13.79
N GLU A 27 -24.51 -17.88 -14.58
CA GLU A 27 -24.12 -17.45 -15.93
C GLU A 27 -25.29 -17.45 -16.88
N SER A 28 -26.26 -18.34 -16.64
CA SER A 28 -27.46 -18.52 -17.44
C SER A 28 -28.70 -17.89 -16.76
N HIS A 29 -28.50 -17.09 -15.69
CA HIS A 29 -29.59 -16.41 -15.00
C HIS A 29 -30.05 -15.20 -15.86
N VAL A 30 -31.36 -15.06 -16.01
CA VAL A 30 -31.99 -13.99 -16.74
C VAL A 30 -32.52 -13.04 -15.68
N VAL A 31 -32.00 -11.81 -15.68
CA VAL A 31 -32.34 -10.75 -14.74
C VAL A 31 -33.76 -10.21 -14.98
N GLU A 32 -34.51 -10.02 -13.88
CA GLU A 32 -35.86 -9.45 -13.84
C GLU A 32 -35.69 -7.99 -13.45
N TRP A 33 -36.12 -7.08 -14.33
CA TRP A 33 -35.94 -5.66 -14.13
C TRP A 33 -37.18 -4.91 -13.68
N GLY A 34 -36.96 -4.01 -12.72
CA GLY A 34 -37.99 -3.11 -12.21
C GLY A 34 -38.00 -1.83 -13.01
N ASN A 35 -38.76 -0.86 -12.55
CA ASN A 35 -38.85 0.44 -13.19
C ASN A 35 -38.00 1.45 -12.43
N GLN A 36 -36.97 1.97 -13.13
CA GLN A 36 -36.00 2.97 -12.67
C GLN A 36 -36.70 4.26 -12.17
N ASP A 37 -37.90 4.61 -12.74
CA ASP A 37 -38.71 5.78 -12.38
C ASP A 37 -39.42 5.65 -11.01
N ASP A 38 -39.30 4.50 -10.34
CA ASP A 38 -39.87 4.30 -9.01
C ASP A 38 -38.91 4.88 -7.92
N TYR A 39 -37.64 5.15 -8.29
CA TYR A 39 -36.60 5.59 -7.37
C TYR A 39 -35.99 6.92 -7.73
N GLN A 40 -35.84 7.77 -6.74
CA GLN A 40 -35.19 9.08 -6.84
C GLN A 40 -34.07 9.09 -5.80
N LEU A 41 -32.84 9.37 -6.27
CA LEU A 41 -31.66 9.46 -5.41
C LEU A 41 -31.71 10.72 -4.52
N VAL A 42 -31.49 10.53 -3.21
CA VAL A 42 -31.54 11.56 -2.17
C VAL A 42 -30.16 12.17 -1.91
N ARG A 43 -29.17 11.31 -1.57
CA ARG A 43 -27.79 11.70 -1.28
C ARG A 43 -26.83 10.51 -1.46
N LYS A 44 -25.53 10.81 -1.70
CA LYS A 44 -24.47 9.82 -1.86
C LYS A 44 -24.08 9.25 -0.51
N LEU A 45 -23.75 7.94 -0.48
CA LEU A 45 -23.34 7.24 0.75
C LEU A 45 -21.90 6.79 0.69
N GLY A 46 -21.41 6.49 -0.50
CA GLY A 46 -20.06 6.02 -0.70
C GLY A 46 -19.74 5.64 -2.14
N ARG A 47 -18.49 5.23 -2.36
CA ARG A 47 -17.89 4.82 -3.64
C ARG A 47 -16.97 3.64 -3.36
N GLY A 48 -16.59 2.96 -4.42
CA GLY A 48 -15.67 1.84 -4.41
C GLY A 48 -15.11 1.64 -5.81
N LYS A 49 -14.41 0.51 -6.05
CA LYS A 49 -13.86 0.18 -7.36
C LYS A 49 -14.99 -0.27 -8.30
N TYR A 50 -16.01 -0.95 -7.75
CA TYR A 50 -17.09 -1.60 -8.50
C TYR A 50 -18.48 -0.90 -8.43
N SER A 51 -18.65 0.13 -7.59
CA SER A 51 -19.93 0.83 -7.47
C SER A 51 -19.86 2.16 -6.75
N GLU A 52 -20.99 2.89 -6.79
CA GLU A 52 -21.27 4.16 -6.11
C GLU A 52 -22.64 3.95 -5.45
N VAL A 53 -22.76 4.22 -4.14
CA VAL A 53 -24.03 3.94 -3.50
C VAL A 53 -24.68 5.21 -2.98
N PHE A 54 -26.01 5.17 -3.01
CA PHE A 54 -26.88 6.30 -2.72
C PHE A 54 -28.05 5.89 -1.86
N GLU A 55 -28.56 6.85 -1.10
CA GLU A 55 -29.77 6.71 -0.34
C GLU A 55 -30.84 7.19 -1.31
N ALA A 56 -31.95 6.48 -1.40
CA ALA A 56 -32.98 6.86 -2.33
C ALA A 56 -34.37 6.80 -1.70
N ILE A 57 -35.36 7.25 -2.46
CA ILE A 57 -36.75 7.17 -2.05
C ILE A 57 -37.50 6.38 -3.09
N ASN A 58 -38.29 5.39 -2.66
CA ASN A 58 -39.20 4.69 -3.56
C ASN A 58 -40.44 5.60 -3.58
N ILE A 59 -40.70 6.30 -4.71
CA ILE A 59 -41.78 7.30 -4.82
C ILE A 59 -43.23 6.67 -4.80
N THR A 60 -43.33 5.34 -5.02
CA THR A 60 -44.59 4.59 -5.03
C THR A 60 -45.11 4.21 -3.63
N ASN A 61 -44.24 4.21 -2.60
CA ASN A 61 -44.62 3.83 -1.22
C ASN A 61 -43.96 4.66 -0.13
N ASN A 62 -43.15 5.66 -0.56
CA ASN A 62 -42.41 6.60 0.28
C ASN A 62 -41.43 5.92 1.24
N GLU A 63 -40.88 4.75 0.82
CA GLU A 63 -39.92 3.98 1.59
C GLU A 63 -38.45 4.34 1.22
N LYS A 64 -37.62 4.42 2.25
CA LYS A 64 -36.19 4.71 2.21
C LYS A 64 -35.46 3.43 1.75
N VAL A 65 -34.59 3.56 0.74
CA VAL A 65 -33.85 2.42 0.19
C VAL A 65 -32.39 2.79 -0.02
N VAL A 66 -31.56 1.78 -0.34
CA VAL A 66 -30.16 1.94 -0.68
C VAL A 66 -29.94 1.49 -2.15
N VAL A 67 -29.40 2.38 -3.01
CA VAL A 67 -29.14 2.12 -4.44
C VAL A 67 -27.64 1.97 -4.71
N LYS A 68 -27.23 0.79 -5.21
CA LYS A 68 -25.86 0.44 -5.59
C LYS A 68 -25.78 0.43 -7.10
N ILE A 69 -25.33 1.57 -7.64
CA ILE A 69 -25.18 1.74 -9.09
C ILE A 69 -23.85 1.12 -9.44
N LEU A 70 -23.91 0.03 -10.19
CA LEU A 70 -22.75 -0.74 -10.56
C LEU A 70 -21.88 -0.08 -11.63
N LYS A 71 -20.57 -0.09 -11.38
CA LYS A 71 -19.59 0.41 -12.34
C LYS A 71 -19.42 -0.72 -13.38
N PRO A 72 -18.89 -0.43 -14.61
CA PRO A 72 -18.75 -1.51 -15.61
C PRO A 72 -17.89 -2.68 -15.13
N VAL A 73 -18.52 -3.89 -15.08
CA VAL A 73 -17.96 -5.19 -14.67
C VAL A 73 -18.53 -6.32 -15.59
N LYS A 74 -17.95 -7.56 -15.54
CA LYS A 74 -18.38 -8.77 -16.26
C LYS A 74 -19.85 -9.05 -15.91
N LYS A 75 -20.76 -9.22 -16.90
CA LYS A 75 -22.19 -9.49 -16.66
C LYS A 75 -22.47 -10.71 -15.76
N LYS A 76 -21.57 -11.74 -15.79
CA LYS A 76 -21.71 -12.96 -14.98
C LYS A 76 -21.46 -12.66 -13.49
N LYS A 77 -20.64 -11.65 -13.19
CA LYS A 77 -20.35 -11.16 -11.85
C LYS A 77 -21.59 -10.44 -11.28
N ILE A 78 -22.32 -9.71 -12.15
CA ILE A 78 -23.58 -9.03 -11.81
C ILE A 78 -24.67 -10.10 -11.53
N LYS A 79 -24.75 -11.13 -12.40
CA LYS A 79 -25.68 -12.25 -12.29
C LYS A 79 -25.45 -13.04 -11.03
N ARG A 80 -24.16 -13.23 -10.67
CA ARG A 80 -23.72 -13.95 -9.46
C ARG A 80 -24.26 -13.27 -8.20
N GLU A 81 -24.05 -11.95 -8.05
CA GLU A 81 -24.53 -11.18 -6.93
C GLU A 81 -26.05 -11.24 -6.85
N ILE A 82 -26.75 -10.92 -7.97
CA ILE A 82 -28.22 -11.00 -8.08
C ILE A 82 -28.73 -12.39 -7.66
N LYS A 83 -28.25 -13.46 -8.31
CA LYS A 83 -28.60 -14.87 -8.04
C LYS A 83 -28.42 -15.25 -6.55
N ILE A 84 -27.25 -14.90 -5.97
CA ILE A 84 -26.93 -15.13 -4.56
C ILE A 84 -27.92 -14.38 -3.66
N LEU A 85 -28.15 -13.07 -3.92
CA LEU A 85 -29.11 -12.23 -3.17
C LEU A 85 -30.55 -12.74 -3.17
N GLU A 86 -31.01 -13.24 -4.31
CA GLU A 86 -32.34 -13.79 -4.48
C GLU A 86 -32.50 -15.14 -3.75
N ASN A 87 -31.43 -15.96 -3.74
CA ASN A 87 -31.40 -17.28 -3.10
C ASN A 87 -31.46 -17.16 -1.57
N LEU A 88 -30.78 -16.12 -1.03
CA LEU A 88 -30.71 -15.86 0.40
C LEU A 88 -31.80 -14.92 0.93
N ARG A 89 -32.74 -14.53 0.05
CA ARG A 89 -33.86 -13.64 0.40
C ARG A 89 -34.76 -14.28 1.44
N GLY A 90 -34.99 -13.55 2.52
CA GLY A 90 -35.78 -13.98 3.65
C GLY A 90 -34.97 -14.65 4.74
N GLY A 91 -33.67 -14.84 4.48
CA GLY A 91 -32.72 -15.45 5.40
C GLY A 91 -32.35 -14.57 6.58
N PRO A 92 -32.06 -15.18 7.75
CA PRO A 92 -31.75 -14.36 8.94
C PRO A 92 -30.52 -13.45 8.79
N ASN A 93 -30.72 -12.13 9.03
CA ASN A 93 -29.70 -11.08 9.05
C ASN A 93 -28.90 -10.91 7.71
N ILE A 94 -29.57 -11.25 6.61
CA ILE A 94 -29.07 -11.16 5.23
C ILE A 94 -29.85 -9.97 4.64
N ILE A 95 -29.13 -8.98 4.12
CA ILE A 95 -29.73 -7.82 3.45
C ILE A 95 -30.77 -8.25 2.38
N THR A 96 -31.82 -7.47 2.21
CA THR A 96 -32.83 -7.77 1.22
C THR A 96 -32.58 -6.98 -0.07
N LEU A 97 -32.58 -7.68 -1.21
CA LEU A 97 -32.53 -7.06 -2.52
C LEU A 97 -34.01 -6.80 -2.85
N ALA A 98 -34.42 -5.51 -2.78
CA ALA A 98 -35.77 -5.01 -3.03
C ALA A 98 -36.10 -4.96 -4.53
N ASP A 99 -35.13 -4.53 -5.34
CA ASP A 99 -35.33 -4.37 -6.79
C ASP A 99 -34.01 -4.32 -7.53
N ILE A 100 -34.07 -4.46 -8.87
CA ILE A 100 -32.96 -4.40 -9.82
C ILE A 100 -33.47 -3.49 -10.96
N VAL A 101 -32.82 -2.34 -11.16
CA VAL A 101 -33.21 -1.34 -12.18
C VAL A 101 -32.05 -1.02 -13.15
N LYS A 102 -32.38 -0.46 -14.32
CA LYS A 102 -31.41 -0.07 -15.33
C LYS A 102 -31.75 1.28 -15.92
N ASP A 103 -30.73 2.13 -16.17
CA ASP A 103 -30.92 3.41 -16.87
C ASP A 103 -31.22 3.10 -18.36
N PRO A 104 -32.34 3.61 -18.99
CA PRO A 104 -32.61 3.26 -20.41
C PRO A 104 -31.62 3.85 -21.43
N VAL A 105 -30.94 4.96 -21.04
CA VAL A 105 -29.95 5.63 -21.90
C VAL A 105 -28.53 5.06 -21.66
N SER A 106 -28.03 5.10 -20.39
CA SER A 106 -26.70 4.63 -19.96
C SER A 106 -26.53 3.09 -19.98
N ARG A 107 -27.64 2.34 -19.81
CA ARG A 107 -27.72 0.88 -19.74
C ARG A 107 -26.91 0.31 -18.52
N THR A 108 -26.76 1.13 -17.46
CA THR A 108 -26.06 0.83 -16.20
C THR A 108 -27.03 0.11 -15.19
N PRO A 109 -26.69 -1.10 -14.67
CA PRO A 109 -27.56 -1.73 -13.67
C PRO A 109 -27.39 -1.17 -12.25
N ALA A 110 -28.48 -1.13 -11.48
CA ALA A 110 -28.50 -0.62 -10.11
C ALA A 110 -29.21 -1.60 -9.20
N LEU A 111 -28.59 -1.94 -8.07
CA LEU A 111 -29.21 -2.86 -7.13
C LEU A 111 -29.85 -2.06 -6.00
N VAL A 112 -31.13 -2.33 -5.70
CA VAL A 112 -31.91 -1.64 -4.67
C VAL A 112 -32.00 -2.56 -3.43
N PHE A 113 -31.58 -2.04 -2.28
CA PHE A 113 -31.52 -2.74 -1.03
C PHE A 113 -32.40 -2.15 0.02
N GLU A 114 -32.77 -3.00 0.99
CA GLU A 114 -33.49 -2.60 2.19
C GLU A 114 -32.51 -1.59 2.88
N HIS A 115 -33.05 -0.56 3.55
CA HIS A 115 -32.22 0.43 4.21
C HIS A 115 -32.04 0.03 5.67
N VAL A 116 -30.81 0.10 6.15
CA VAL A 116 -30.51 -0.17 7.56
C VAL A 116 -29.95 1.14 8.12
N ASN A 117 -30.58 1.70 9.17
CA ASN A 117 -30.08 2.93 9.82
C ASN A 117 -28.79 2.63 10.64
N ASN A 118 -27.68 2.49 9.93
CA ASN A 118 -26.37 2.16 10.45
C ASN A 118 -25.73 3.26 11.28
N THR A 119 -24.97 2.84 12.31
CA THR A 119 -24.13 3.63 13.20
C THR A 119 -22.71 3.18 12.81
N ASP A 120 -21.90 4.07 12.18
CA ASP A 120 -20.55 3.78 11.67
C ASP A 120 -19.70 2.99 12.67
N PHE A 121 -19.09 1.85 12.22
CA PHE A 121 -18.30 0.90 13.03
C PHE A 121 -17.13 1.55 13.79
N LYS A 122 -16.55 2.65 13.25
CA LYS A 122 -15.44 3.36 13.89
C LYS A 122 -15.90 4.31 15.04
N GLN A 123 -17.23 4.35 15.29
CA GLN A 123 -17.87 5.13 16.35
C GLN A 123 -18.68 4.19 17.24
N LEU A 124 -19.34 3.16 16.64
CA LEU A 124 -20.18 2.21 17.35
C LEU A 124 -19.38 1.24 18.25
N TYR A 125 -18.38 0.55 17.68
CA TYR A 125 -17.56 -0.47 18.34
C TYR A 125 -16.98 -0.02 19.68
N GLN A 126 -16.49 1.24 19.79
CA GLN A 126 -15.90 1.79 21.01
C GLN A 126 -16.92 1.99 22.17
N THR A 127 -18.23 1.96 21.84
CA THR A 127 -19.33 2.08 22.79
C THR A 127 -19.90 0.69 23.18
N LEU A 128 -19.65 -0.34 22.33
CA LEU A 128 -20.11 -1.72 22.53
C LEU A 128 -19.53 -2.36 23.78
N THR A 129 -20.40 -3.04 24.53
CA THR A 129 -20.07 -3.77 25.74
C THR A 129 -19.71 -5.22 25.36
N ASP A 130 -19.33 -6.01 26.37
CA ASP A 130 -19.02 -7.43 26.24
C ASP A 130 -20.27 -8.16 25.69
N TYR A 131 -21.46 -7.86 26.25
CA TYR A 131 -22.73 -8.44 25.81
C TYR A 131 -23.08 -8.04 24.37
N ASP A 132 -22.85 -6.76 23.99
CA ASP A 132 -23.10 -6.26 22.64
C ASP A 132 -22.34 -7.09 21.61
N ILE A 133 -21.01 -7.32 21.86
CA ILE A 133 -20.11 -8.10 21.00
C ILE A 133 -20.62 -9.54 20.84
N ARG A 134 -21.03 -10.23 21.94
CA ARG A 134 -21.55 -11.61 21.88
C ARG A 134 -22.89 -11.62 21.15
N PHE A 135 -23.73 -10.59 21.36
CA PHE A 135 -25.04 -10.50 20.73
C PHE A 135 -24.89 -10.39 19.21
N TYR A 136 -24.07 -9.44 18.73
CA TYR A 136 -23.87 -9.20 17.31
C TYR A 136 -23.07 -10.31 16.65
N MET A 137 -22.12 -10.93 17.36
CA MET A 137 -21.35 -12.07 16.81
C MET A 137 -22.28 -13.26 16.53
N TYR A 138 -23.26 -13.47 17.44
CA TYR A 138 -24.27 -14.50 17.29
C TYR A 138 -25.22 -14.20 16.08
N GLU A 139 -25.48 -12.89 15.80
CA GLU A 139 -26.33 -12.44 14.70
C GLU A 139 -25.68 -12.66 13.32
N ILE A 140 -24.34 -12.40 13.17
CA ILE A 140 -23.53 -12.65 11.96
C ILE A 140 -23.48 -14.17 11.75
N LEU A 141 -23.33 -14.95 12.84
CA LEU A 141 -23.31 -16.43 12.80
C LEU A 141 -24.61 -17.03 12.27
N LYS A 142 -25.76 -16.42 12.61
CA LYS A 142 -27.10 -16.81 12.08
C LYS A 142 -27.10 -16.61 10.54
N ALA A 143 -26.49 -15.49 10.06
CA ALA A 143 -26.40 -15.14 8.65
C ALA A 143 -25.41 -16.03 7.90
N LEU A 144 -24.26 -16.40 8.52
CA LEU A 144 -23.24 -17.29 7.93
C LEU A 144 -23.70 -18.74 7.84
N ASP A 145 -24.29 -19.27 8.92
CA ASP A 145 -24.81 -20.63 8.90
C ASP A 145 -25.90 -20.74 7.85
N TYR A 146 -26.75 -19.71 7.73
CA TYR A 146 -27.78 -19.69 6.71
C TYR A 146 -27.21 -19.75 5.27
N CYS A 147 -26.31 -18.81 4.91
CA CYS A 147 -25.77 -18.77 3.56
C CYS A 147 -24.92 -20.03 3.25
N HIS A 148 -24.20 -20.55 4.26
CA HIS A 148 -23.43 -21.79 4.13
C HIS A 148 -24.33 -22.99 3.90
N SER A 149 -25.48 -23.05 4.58
CA SER A 149 -26.48 -24.13 4.44
C SER A 149 -27.19 -24.09 3.10
N MET A 150 -27.05 -22.95 2.41
CA MET A 150 -27.62 -22.61 1.12
C MET A 150 -26.53 -22.68 -0.01
N GLY A 151 -25.35 -23.19 0.35
CA GLY A 151 -24.21 -23.43 -0.55
C GLY A 151 -23.41 -22.22 -0.99
N ILE A 152 -23.45 -21.16 -0.19
CA ILE A 152 -22.81 -19.89 -0.50
C ILE A 152 -21.81 -19.48 0.55
N MET A 153 -20.63 -19.03 0.09
CA MET A 153 -19.60 -18.45 0.95
C MET A 153 -19.55 -16.97 0.61
N HIS A 154 -19.67 -16.12 1.62
CA HIS A 154 -19.66 -14.66 1.51
C HIS A 154 -18.31 -14.18 0.94
N ARG A 155 -17.16 -14.58 1.58
CA ARG A 155 -15.76 -14.30 1.17
C ARG A 155 -15.32 -12.85 1.36
N ASP A 156 -16.12 -12.01 2.07
CA ASP A 156 -15.77 -10.61 2.34
C ASP A 156 -16.36 -10.15 3.69
N VAL A 157 -16.24 -11.01 4.72
CA VAL A 157 -16.74 -10.70 6.07
C VAL A 157 -15.70 -9.79 6.73
N LYS A 158 -16.12 -8.57 7.04
CA LYS A 158 -15.32 -7.48 7.64
C LYS A 158 -16.31 -6.47 8.20
N PRO A 159 -15.88 -5.62 9.19
CA PRO A 159 -16.82 -4.67 9.82
C PRO A 159 -17.64 -3.79 8.87
N HIS A 160 -17.04 -3.30 7.77
CA HIS A 160 -17.68 -2.47 6.75
C HIS A 160 -18.89 -3.13 6.05
N ASN A 161 -18.91 -4.47 5.98
CA ASN A 161 -19.96 -5.23 5.33
C ASN A 161 -21.00 -5.75 6.32
N VAL A 162 -20.98 -5.23 7.55
CA VAL A 162 -21.93 -5.57 8.60
C VAL A 162 -22.63 -4.26 9.01
N MET A 163 -23.92 -4.13 8.68
CA MET A 163 -24.74 -2.95 8.99
C MET A 163 -25.46 -3.14 10.30
N ILE A 164 -25.22 -2.25 11.29
CA ILE A 164 -25.86 -2.34 12.60
C ILE A 164 -26.67 -1.08 12.94
N ASP A 165 -27.96 -1.28 13.16
CA ASP A 165 -28.92 -0.35 13.70
C ASP A 165 -28.96 -0.73 15.21
N HIS A 166 -28.11 -0.09 16.02
CA HIS A 166 -27.98 -0.40 17.44
C HIS A 166 -29.25 -0.14 18.25
N GLU A 167 -30.03 0.90 17.90
CA GLU A 167 -31.30 1.29 18.53
C GLU A 167 -32.29 0.14 18.57
N HIS A 168 -32.42 -0.59 17.43
CA HIS A 168 -33.34 -1.71 17.28
C HIS A 168 -32.66 -3.09 17.36
N ARG A 169 -31.34 -3.10 17.70
CA ARG A 169 -30.46 -4.29 17.80
C ARG A 169 -30.57 -5.12 16.51
N LYS A 170 -30.52 -4.41 15.36
CA LYS A 170 -30.72 -4.99 14.03
C LYS A 170 -29.42 -5.10 13.26
N LEU A 171 -29.12 -6.32 12.75
CA LEU A 171 -27.89 -6.58 12.03
C LEU A 171 -28.16 -7.14 10.65
N ARG A 172 -27.45 -6.64 9.64
CA ARG A 172 -27.53 -7.14 8.26
C ARG A 172 -26.16 -7.30 7.69
N LEU A 173 -25.88 -8.52 7.20
CA LEU A 173 -24.65 -8.84 6.48
C LEU A 173 -24.93 -8.41 5.05
N ILE A 174 -24.19 -7.38 4.60
CA ILE A 174 -24.35 -6.76 3.27
C ILE A 174 -23.18 -7.10 2.30
N ASP A 175 -23.22 -6.51 1.08
CA ASP A 175 -22.24 -6.60 0.01
C ASP A 175 -21.86 -8.06 -0.35
N TRP A 176 -22.69 -8.66 -1.19
CA TRP A 176 -22.54 -10.03 -1.63
C TRP A 176 -21.89 -10.15 -3.02
N GLY A 177 -21.11 -9.14 -3.41
CA GLY A 177 -20.42 -9.06 -4.69
C GLY A 177 -19.20 -9.97 -4.83
N LEU A 178 -18.68 -10.45 -3.70
CA LEU A 178 -17.53 -11.35 -3.73
C LEU A 178 -17.93 -12.79 -3.44
N ALA A 179 -19.21 -13.03 -3.04
CA ALA A 179 -19.78 -14.33 -2.69
C ALA A 179 -19.74 -15.31 -3.81
N GLU A 180 -19.57 -16.58 -3.48
CA GLU A 180 -19.53 -17.64 -4.50
C GLU A 180 -20.29 -18.83 -4.01
N PHE A 181 -20.61 -19.72 -4.94
CA PHE A 181 -21.28 -20.97 -4.64
C PHE A 181 -20.19 -22.02 -4.39
N TYR A 182 -20.38 -22.84 -3.35
CA TYR A 182 -19.43 -23.89 -3.04
C TYR A 182 -19.77 -25.15 -3.82
N HIS A 183 -18.77 -25.68 -4.54
CA HIS A 183 -18.87 -26.93 -5.30
C HIS A 183 -17.65 -27.78 -4.95
N PRO A 184 -17.85 -29.03 -4.48
CA PRO A 184 -16.68 -29.88 -4.12
C PRO A 184 -15.74 -30.13 -5.30
N GLY A 185 -14.45 -29.91 -5.08
CA GLY A 185 -13.45 -30.05 -6.11
C GLY A 185 -13.10 -28.78 -6.85
N GLN A 186 -13.92 -27.73 -6.71
CA GLN A 186 -13.69 -26.46 -7.39
C GLN A 186 -12.55 -25.66 -6.75
N GLU A 187 -11.72 -25.08 -7.62
CA GLU A 187 -10.60 -24.22 -7.25
C GLU A 187 -11.00 -22.80 -7.51
N TYR A 188 -11.00 -22.00 -6.43
CA TYR A 188 -11.45 -20.61 -6.46
C TYR A 188 -10.31 -19.66 -6.54
N ASN A 189 -10.62 -18.37 -6.82
CA ASN A 189 -9.68 -17.27 -6.86
C ASN A 189 -9.28 -16.94 -5.43
N VAL A 190 -7.97 -16.85 -5.16
CA VAL A 190 -7.47 -16.55 -3.82
C VAL A 190 -7.33 -15.02 -3.60
N ARG A 191 -7.51 -14.23 -4.69
CA ARG A 191 -7.40 -12.78 -4.64
C ARG A 191 -8.77 -12.18 -4.33
N VAL A 192 -9.30 -12.58 -3.19
CA VAL A 192 -10.60 -12.16 -2.67
C VAL A 192 -10.36 -11.68 -1.22
N ALA A 193 -11.30 -10.89 -0.65
CA ALA A 193 -11.27 -10.31 0.70
C ALA A 193 -10.24 -9.18 0.87
N SER A 194 -10.38 -8.41 1.96
CA SER A 194 -9.48 -7.31 2.34
C SER A 194 -8.22 -7.96 2.89
N ARG A 195 -7.04 -7.39 2.63
CA ARG A 195 -5.78 -7.91 3.14
C ARG A 195 -5.85 -8.46 4.57
N TYR A 196 -6.39 -7.66 5.48
CA TYR A 196 -6.44 -7.90 6.93
C TYR A 196 -7.31 -9.08 7.34
N PHE A 197 -8.32 -9.42 6.52
CA PHE A 197 -9.29 -10.47 6.78
C PHE A 197 -9.05 -11.77 5.97
N LYS A 198 -8.02 -11.78 5.11
CA LYS A 198 -7.64 -12.91 4.25
C LYS A 198 -7.14 -14.08 5.08
N GLY A 199 -7.72 -15.25 4.83
CA GLY A 199 -7.33 -16.47 5.51
C GLY A 199 -5.99 -17.01 5.04
N PRO A 200 -5.34 -17.89 5.84
CA PRO A 200 -4.04 -18.48 5.41
C PRO A 200 -4.11 -19.17 4.04
N GLU A 201 -5.21 -19.87 3.76
CA GLU A 201 -5.46 -20.53 2.47
C GLU A 201 -5.29 -19.56 1.28
N LEU A 202 -5.74 -18.29 1.41
CA LEU A 202 -5.63 -17.27 0.36
C LEU A 202 -4.16 -16.85 0.14
N LEU A 203 -3.46 -16.61 1.25
CA LEU A 203 -2.07 -16.18 1.32
C LEU A 203 -1.06 -17.22 0.84
N VAL A 204 -1.32 -18.53 1.07
CA VAL A 204 -0.40 -19.62 0.63
C VAL A 204 -0.73 -20.09 -0.79
N ASP A 205 -1.87 -19.62 -1.34
CA ASP A 205 -2.43 -19.95 -2.63
C ASP A 205 -3.03 -21.37 -2.66
N TYR A 206 -3.81 -21.70 -1.63
CA TYR A 206 -4.57 -22.95 -1.62
C TYR A 206 -5.96 -22.59 -2.17
N GLN A 207 -6.26 -23.06 -3.40
CA GLN A 207 -7.44 -22.72 -4.17
C GLN A 207 -8.71 -23.53 -3.86
N MET A 208 -8.57 -24.76 -3.32
CA MET A 208 -9.70 -25.62 -3.01
C MET A 208 -10.32 -25.31 -1.63
N TYR A 209 -10.64 -24.02 -1.38
CA TYR A 209 -11.21 -23.61 -0.10
C TYR A 209 -12.78 -23.68 -0.08
N ASP A 210 -13.38 -23.40 1.09
CA ASP A 210 -14.82 -23.54 1.34
C ASP A 210 -15.34 -22.46 2.32
N TYR A 211 -16.52 -22.65 2.89
CA TYR A 211 -17.19 -21.74 3.83
C TYR A 211 -16.30 -21.35 5.01
N SER A 212 -15.37 -22.26 5.42
CA SER A 212 -14.44 -22.06 6.54
C SER A 212 -13.58 -20.81 6.40
N LEU A 213 -13.47 -20.26 5.14
CA LEU A 213 -12.82 -18.97 4.82
C LEU A 213 -13.46 -17.81 5.60
N ASP A 214 -14.82 -17.84 5.74
CA ASP A 214 -15.64 -16.85 6.42
C ASP A 214 -15.43 -16.86 7.92
N MET A 215 -15.13 -18.04 8.48
CA MET A 215 -14.87 -18.26 9.89
C MET A 215 -13.55 -17.61 10.32
N TRP A 216 -12.52 -17.64 9.45
CA TRP A 216 -11.24 -16.97 9.67
C TRP A 216 -11.50 -15.47 9.80
N SER A 217 -12.19 -14.85 8.81
CA SER A 217 -12.58 -13.45 8.71
C SER A 217 -13.37 -13.01 9.94
N LEU A 218 -14.32 -13.86 10.37
CA LEU A 218 -15.10 -13.60 11.56
C LEU A 218 -14.18 -13.58 12.82
N GLY A 219 -13.17 -14.47 12.83
CA GLY A 219 -12.16 -14.53 13.88
C GLY A 219 -11.31 -13.27 13.95
N CYS A 220 -10.94 -12.70 12.78
CA CYS A 220 -10.15 -11.45 12.66
C CYS A 220 -10.94 -10.27 13.20
N MET A 221 -12.23 -10.23 12.86
CA MET A 221 -13.22 -9.25 13.28
C MET A 221 -13.39 -9.29 14.80
N LEU A 222 -13.54 -10.51 15.39
CA LEU A 222 -13.72 -10.73 16.84
C LEU A 222 -12.52 -10.22 17.62
N ALA A 223 -11.31 -10.58 17.16
CA ALA A 223 -10.05 -10.17 17.77
C ALA A 223 -9.91 -8.65 17.78
N SER A 224 -10.32 -7.96 16.67
CA SER A 224 -10.29 -6.49 16.59
C SER A 224 -11.24 -5.84 17.58
N MET A 225 -12.39 -6.50 17.84
CA MET A 225 -13.44 -6.05 18.75
C MET A 225 -13.13 -6.26 20.24
N ILE A 226 -12.71 -7.49 20.66
CA ILE A 226 -12.44 -7.74 22.08
C ILE A 226 -11.11 -7.08 22.52
N PHE A 227 -10.14 -6.97 21.62
CA PHE A 227 -8.84 -6.39 21.95
C PHE A 227 -8.73 -4.90 21.65
N ARG A 228 -9.73 -4.31 20.94
CA ARG A 228 -9.72 -2.87 20.55
C ARG A 228 -8.43 -2.54 19.75
N LYS A 229 -8.08 -3.43 18.81
CA LYS A 229 -6.94 -3.33 17.92
C LYS A 229 -7.44 -3.55 16.48
N GLU A 230 -7.67 -2.44 15.75
CA GLU A 230 -8.11 -2.53 14.36
C GLU A 230 -7.09 -1.90 13.40
N PRO A 231 -6.54 -2.67 12.43
CA PRO A 231 -6.77 -4.11 12.18
C PRO A 231 -5.96 -5.02 13.12
N PHE A 232 -6.45 -6.23 13.42
CA PHE A 232 -5.73 -7.13 14.32
C PHE A 232 -4.42 -7.65 13.69
N PHE A 233 -4.48 -8.28 12.48
CA PHE A 233 -3.27 -8.70 11.76
C PHE A 233 -3.09 -7.60 10.74
N HIS A 234 -2.06 -6.82 10.90
CA HIS A 234 -1.78 -5.62 10.11
C HIS A 234 -0.57 -5.76 9.17
N GLY A 235 -0.71 -6.59 8.14
CA GLY A 235 0.33 -6.76 7.13
C GLY A 235 0.49 -5.58 6.19
N HIS A 236 1.68 -5.43 5.59
CA HIS A 236 2.00 -4.34 4.66
C HIS A 236 1.71 -4.68 3.22
N ASP A 237 1.50 -5.98 2.95
CA ASP A 237 1.21 -6.61 1.67
C ASP A 237 0.68 -8.03 2.00
N ASN A 238 0.34 -8.86 0.98
CA ASN A 238 -0.17 -10.20 1.23
C ASN A 238 0.87 -11.15 1.84
N TYR A 239 2.16 -10.96 1.49
CA TYR A 239 3.27 -11.74 2.03
C TYR A 239 3.50 -11.45 3.52
N ASP A 240 3.54 -10.16 3.87
CA ASP A 240 3.73 -9.70 5.26
C ASP A 240 2.50 -9.99 6.10
N GLN A 241 1.34 -10.16 5.46
CA GLN A 241 0.10 -10.49 6.14
C GLN A 241 0.20 -11.89 6.82
N LEU A 242 0.81 -12.87 6.12
CA LEU A 242 1.06 -14.23 6.63
C LEU A 242 2.14 -14.21 7.73
N VAL A 243 3.13 -13.31 7.62
CA VAL A 243 4.18 -13.11 8.64
C VAL A 243 3.55 -12.57 9.94
N ARG A 244 2.64 -11.59 9.84
CA ARG A 244 1.94 -11.04 11.02
C ARG A 244 1.09 -12.10 11.73
N ILE A 245 0.47 -13.02 10.95
CA ILE A 245 -0.32 -14.16 11.47
C ILE A 245 0.64 -15.14 12.18
N ALA A 246 1.72 -15.59 11.50
CA ALA A 246 2.74 -16.52 12.03
C ALA A 246 3.44 -16.02 13.31
N LYS A 247 3.47 -14.70 13.52
CA LYS A 247 4.05 -14.12 14.73
C LYS A 247 3.12 -14.29 15.94
N VAL A 248 1.83 -14.66 15.69
CA VAL A 248 0.81 -14.89 16.73
C VAL A 248 0.54 -16.41 16.89
N LEU A 249 0.29 -17.10 15.77
CA LEU A 249 -0.03 -18.52 15.72
C LEU A 249 1.21 -19.43 15.67
N GLY A 250 2.38 -18.85 15.42
CA GLY A 250 3.62 -19.61 15.27
C GLY A 250 3.76 -20.24 13.91
N THR A 251 5.01 -20.46 13.47
CA THR A 251 5.32 -21.08 12.16
C THR A 251 5.23 -22.62 12.16
N GLU A 252 5.16 -23.27 13.34
CA GLU A 252 5.12 -24.74 13.43
C GLU A 252 3.83 -25.31 12.80
N ASP A 253 2.66 -24.79 13.25
CA ASP A 253 1.33 -25.17 12.76
C ASP A 253 1.14 -24.80 11.28
N LEU A 254 1.80 -23.69 10.83
CA LEU A 254 1.80 -23.20 9.45
C LEU A 254 2.53 -24.20 8.54
N TYR A 255 3.77 -24.62 8.91
CA TYR A 255 4.51 -25.59 8.10
C TYR A 255 3.88 -26.98 8.13
N ASP A 256 3.19 -27.33 9.22
CA ASP A 256 2.40 -28.56 9.36
C ASP A 256 1.16 -28.52 8.43
N TYR A 257 0.57 -27.32 8.27
CA TYR A 257 -0.57 -27.06 7.39
C TYR A 257 -0.15 -27.18 5.92
N ILE A 258 1.02 -26.58 5.55
CA ILE A 258 1.64 -26.60 4.22
C ILE A 258 1.94 -28.06 3.81
N ASP A 259 2.45 -28.81 4.79
CA ASP A 259 2.78 -30.23 4.70
C ASP A 259 1.58 -31.10 4.39
N LYS A 260 0.52 -31.01 5.24
CA LYS A 260 -0.72 -31.77 5.13
C LYS A 260 -1.36 -31.72 3.73
N TYR A 261 -1.38 -30.52 3.13
CA TYR A 261 -2.01 -30.26 1.84
C TYR A 261 -1.07 -30.15 0.66
N ASN A 262 0.23 -30.44 0.89
CA ASN A 262 1.28 -30.44 -0.14
C ASN A 262 1.31 -29.14 -0.91
N ILE A 263 1.32 -28.04 -0.16
CA ILE A 263 1.28 -26.70 -0.74
C ILE A 263 2.68 -26.26 -1.15
N GLU A 264 2.82 -25.85 -2.43
CA GLU A 264 4.08 -25.34 -2.94
C GLU A 264 4.09 -23.87 -2.47
N LEU A 265 4.88 -23.58 -1.43
CA LEU A 265 4.97 -22.22 -0.89
C LEU A 265 5.79 -21.34 -1.81
N ASP A 266 5.38 -20.07 -1.94
CA ASP A 266 6.09 -19.08 -2.77
C ASP A 266 7.50 -18.86 -2.16
N PRO A 267 8.59 -18.96 -2.96
CA PRO A 267 9.95 -18.76 -2.41
C PRO A 267 10.20 -17.43 -1.69
N ARG A 268 9.41 -16.37 -2.01
CA ARG A 268 9.46 -15.07 -1.33
C ARG A 268 9.26 -15.26 0.19
N PHE A 269 8.43 -16.27 0.57
CA PHE A 269 8.09 -16.61 1.96
C PHE A 269 9.21 -17.20 2.81
N ASN A 270 10.09 -18.05 2.22
CA ASN A 270 11.20 -18.75 2.90
C ASN A 270 12.02 -17.85 3.82
N ASP A 271 12.39 -16.65 3.32
CA ASP A 271 13.22 -15.68 4.03
C ASP A 271 12.46 -14.73 4.95
N ILE A 272 11.13 -14.57 4.77
CA ILE A 272 10.38 -13.61 5.59
C ILE A 272 9.60 -14.25 6.78
N LEU A 273 9.22 -15.54 6.68
CA LEU A 273 8.43 -16.22 7.71
C LEU A 273 9.19 -16.48 8.98
N GLY A 274 10.46 -16.85 8.87
CA GLY A 274 11.32 -17.17 10.01
C GLY A 274 10.81 -18.27 10.91
N ARG A 275 11.11 -18.16 12.22
CA ARG A 275 10.69 -19.10 13.26
C ARG A 275 10.04 -18.30 14.35
N HIS A 276 8.75 -18.53 14.58
CA HIS A 276 8.01 -17.81 15.62
C HIS A 276 7.22 -18.80 16.44
N SER A 277 7.11 -18.51 17.73
CA SER A 277 6.35 -19.37 18.63
C SER A 277 4.87 -18.96 18.57
N ARG A 278 4.00 -19.85 19.06
CA ARG A 278 2.58 -19.57 19.16
C ARG A 278 2.41 -18.72 20.42
N LYS A 279 2.01 -17.46 20.27
CA LYS A 279 1.83 -16.56 21.41
C LYS A 279 0.51 -16.80 22.17
N ARG A 280 0.48 -16.44 23.45
CA ARG A 280 -0.72 -16.55 24.27
C ARG A 280 -1.49 -15.25 24.08
N TRP A 281 -2.83 -15.33 24.03
CA TRP A 281 -3.75 -14.21 23.78
C TRP A 281 -3.68 -13.05 24.78
N GLU A 282 -3.14 -13.32 25.98
CA GLU A 282 -2.96 -12.40 27.11
C GLU A 282 -2.12 -11.16 26.77
N ARG A 283 -1.20 -11.27 25.78
CA ARG A 283 -0.30 -10.18 25.42
C ARG A 283 -0.99 -9.05 24.64
N PHE A 284 -2.27 -9.28 24.26
CA PHE A 284 -3.12 -8.30 23.59
C PHE A 284 -4.13 -7.74 24.60
N VAL A 285 -4.14 -8.29 25.83
CA VAL A 285 -5.01 -7.81 26.91
C VAL A 285 -4.32 -6.69 27.68
N HIS A 286 -5.05 -5.60 27.92
CA HIS A 286 -4.60 -4.40 28.64
C HIS A 286 -5.82 -3.74 29.33
N SER A 287 -5.57 -2.76 30.22
CA SER A 287 -6.57 -2.02 31.03
C SER A 287 -7.78 -1.47 30.26
N GLU A 288 -7.55 -1.02 29.03
CA GLU A 288 -8.61 -0.46 28.18
C GLU A 288 -9.51 -1.52 27.46
N ASN A 289 -9.08 -2.80 27.31
CA ASN A 289 -9.90 -3.83 26.65
C ASN A 289 -10.35 -5.02 27.52
N GLN A 290 -9.70 -5.21 28.69
CA GLN A 290 -9.91 -6.33 29.62
C GLN A 290 -11.38 -6.64 29.96
N HIS A 291 -12.27 -5.61 29.95
CA HIS A 291 -13.73 -5.75 30.22
C HIS A 291 -14.45 -6.51 29.10
N LEU A 292 -13.81 -6.62 27.91
CA LEU A 292 -14.33 -7.32 26.72
C LEU A 292 -13.70 -8.72 26.59
N VAL A 293 -12.53 -8.93 27.22
CA VAL A 293 -11.79 -10.20 27.20
C VAL A 293 -12.19 -11.09 28.39
N SER A 294 -12.59 -12.32 28.09
CA SER A 294 -12.93 -13.33 29.08
C SER A 294 -12.33 -14.67 28.62
N PRO A 295 -12.16 -15.67 29.53
CA PRO A 295 -11.66 -17.00 29.12
C PRO A 295 -12.52 -17.63 28.02
N GLU A 296 -13.85 -17.35 27.99
CA GLU A 296 -14.79 -17.84 26.97
C GLU A 296 -14.46 -17.27 25.61
N ALA A 297 -14.29 -15.94 25.56
CA ALA A 297 -13.97 -15.16 24.37
C ALA A 297 -12.68 -15.64 23.72
N LEU A 298 -11.64 -15.86 24.55
CA LEU A 298 -10.33 -16.35 24.12
C LEU A 298 -10.36 -17.78 23.57
N ASP A 299 -11.21 -18.65 24.18
CA ASP A 299 -11.40 -20.04 23.79
C ASP A 299 -12.10 -20.13 22.42
N PHE A 300 -13.16 -19.32 22.24
CA PHE A 300 -13.92 -19.20 21.01
C PHE A 300 -13.01 -18.71 19.88
N LEU A 301 -12.25 -17.62 20.13
CA LEU A 301 -11.30 -17.01 19.19
C LEU A 301 -10.23 -17.99 18.71
N ASP A 302 -9.69 -18.80 19.64
CA ASP A 302 -8.67 -19.82 19.34
C ASP A 302 -9.18 -20.85 18.32
N LYS A 303 -10.42 -21.32 18.53
CA LYS A 303 -11.11 -22.33 17.74
C LYS A 303 -11.55 -21.88 16.34
N LEU A 304 -11.44 -20.57 16.05
CA LEU A 304 -11.76 -19.94 14.77
C LEU A 304 -10.51 -19.66 13.96
N LEU A 305 -9.47 -19.11 14.63
CA LEU A 305 -8.22 -18.73 14.01
C LEU A 305 -7.23 -19.89 13.89
N ARG A 306 -7.51 -20.83 12.98
CA ARG A 306 -6.63 -21.99 12.73
C ARG A 306 -6.18 -21.93 11.28
N TYR A 307 -4.92 -22.32 10.98
CA TYR A 307 -4.42 -22.32 9.61
C TYR A 307 -5.23 -23.28 8.81
N ASP A 308 -5.30 -24.53 9.32
CA ASP A 308 -6.06 -25.61 8.71
C ASP A 308 -7.53 -25.27 8.76
N HIS A 309 -8.06 -24.92 7.59
CA HIS A 309 -9.45 -24.56 7.35
C HIS A 309 -10.42 -25.65 7.82
N GLN A 310 -10.02 -26.93 7.75
CA GLN A 310 -10.81 -28.09 8.17
C GLN A 310 -10.96 -28.21 9.70
N SER A 311 -10.12 -27.51 10.46
CA SER A 311 -10.13 -27.58 11.91
C SER A 311 -10.81 -26.37 12.61
N ARG A 312 -11.21 -25.33 11.84
CA ARG A 312 -11.91 -24.15 12.38
C ARG A 312 -13.32 -24.58 12.72
N LEU A 313 -13.98 -23.84 13.62
CA LEU A 313 -15.36 -24.12 13.99
C LEU A 313 -16.26 -23.80 12.79
N THR A 314 -17.38 -24.52 12.66
CA THR A 314 -18.37 -24.21 11.63
C THR A 314 -19.25 -23.10 12.28
N ALA A 315 -20.08 -22.39 11.49
CA ALA A 315 -20.97 -21.36 12.03
C ALA A 315 -21.96 -21.96 13.04
N ARG A 316 -22.41 -23.23 12.82
CA ARG A 316 -23.32 -23.92 13.73
C ARG A 316 -22.62 -24.34 15.00
N GLU A 317 -21.38 -24.88 14.90
CA GLU A 317 -20.54 -25.26 16.06
C GLU A 317 -20.23 -24.04 16.93
N ALA A 318 -19.97 -22.89 16.26
CA ALA A 318 -19.65 -21.61 16.90
C ALA A 318 -20.83 -21.07 17.69
N MET A 319 -22.06 -21.27 17.20
CA MET A 319 -23.28 -20.81 17.86
C MET A 319 -23.57 -21.54 19.19
N GLU A 320 -22.93 -22.71 19.37
CA GLU A 320 -23.07 -23.63 20.49
C GLU A 320 -22.01 -23.46 21.56
N HIS A 321 -21.07 -22.52 21.34
CA HIS A 321 -19.97 -22.23 22.24
C HIS A 321 -20.44 -21.48 23.54
N PRO A 322 -19.83 -21.79 24.73
CA PRO A 322 -20.17 -21.08 25.99
C PRO A 322 -20.23 -19.54 25.95
N TYR A 323 -19.42 -18.91 25.06
CA TYR A 323 -19.36 -17.46 24.84
C TYR A 323 -20.77 -16.84 24.58
N PHE A 324 -21.70 -17.64 23.99
CA PHE A 324 -23.08 -17.26 23.65
C PHE A 324 -24.19 -17.83 24.56
N TYR A 325 -23.85 -18.52 25.68
CA TYR A 325 -24.85 -19.11 26.60
C TYR A 325 -25.87 -18.11 27.12
N THR A 326 -25.41 -16.90 27.47
CA THR A 326 -26.22 -15.78 27.99
C THR A 326 -27.20 -15.26 26.95
N VAL A 327 -26.68 -14.99 25.72
CA VAL A 327 -27.41 -14.51 24.52
C VAL A 327 -28.50 -15.53 24.18
N VAL A 328 -28.13 -16.84 24.06
CA VAL A 328 -29.04 -17.95 23.76
C VAL A 328 -30.18 -17.98 24.80
N LYS A 329 -29.84 -17.93 26.11
CA LYS A 329 -30.79 -17.93 27.23
C LYS A 329 -31.77 -16.75 27.15
N ASP A 330 -31.25 -15.53 26.88
CA ASP A 330 -32.02 -14.28 26.73
C ASP A 330 -32.86 -14.21 25.46
N GLN A 331 -32.66 -15.16 24.52
CA GLN A 331 -33.39 -15.22 23.26
C GLN A 331 -34.70 -16.06 23.38
N ALA A 332 -34.92 -16.69 24.56
CA ALA A 332 -36.12 -17.48 24.83
C ALA A 332 -37.25 -16.67 25.49
N SER B 2 12.79 16.41 -37.43
CA SER B 2 13.76 17.02 -36.52
C SER B 2 13.18 17.23 -35.10
N GLY B 3 12.76 16.13 -34.48
CA GLY B 3 12.28 16.07 -33.10
C GLY B 3 13.41 15.57 -32.21
N PRO B 4 13.29 15.55 -30.86
CA PRO B 4 14.42 15.05 -30.04
C PRO B 4 14.72 13.57 -30.29
N VAL B 5 15.97 13.16 -30.04
CA VAL B 5 16.47 11.80 -30.24
C VAL B 5 16.08 10.96 -28.99
N PRO B 6 15.44 9.76 -29.17
CA PRO B 6 15.12 8.94 -27.98
C PRO B 6 16.36 8.49 -27.20
N SER B 7 16.13 8.09 -25.96
CA SER B 7 17.15 7.66 -25.01
C SER B 7 16.61 6.49 -24.16
N ARG B 8 17.48 5.55 -23.79
CA ARG B 8 17.12 4.42 -22.93
C ARG B 8 18.13 4.38 -21.78
N ALA B 9 17.70 3.97 -20.57
CA ALA B 9 18.59 3.80 -19.43
C ALA B 9 19.62 2.71 -19.81
N ARG B 10 20.92 2.97 -19.60
CA ARG B 10 21.95 1.98 -19.95
C ARG B 10 22.02 0.85 -18.91
N VAL B 11 21.34 1.00 -17.75
CA VAL B 11 21.20 -0.06 -16.73
C VAL B 11 19.73 -0.14 -16.27
N TYR B 12 19.28 -1.34 -15.87
CA TYR B 12 17.95 -1.65 -15.32
C TYR B 12 16.81 -1.16 -16.22
N THR B 13 17.04 -1.18 -17.54
CA THR B 13 16.14 -0.66 -18.57
C THR B 13 14.70 -1.28 -18.58
N ASP B 14 14.59 -2.63 -18.62
CA ASP B 14 13.33 -3.38 -18.79
C ASP B 14 12.88 -4.13 -17.55
N VAL B 15 13.42 -3.74 -16.44
CA VAL B 15 13.21 -4.33 -15.15
C VAL B 15 11.68 -4.31 -14.71
N ASN B 16 10.93 -3.22 -15.03
CA ASN B 16 9.49 -3.11 -14.73
C ASN B 16 8.62 -3.94 -15.68
N THR B 17 9.08 -4.11 -16.93
CA THR B 17 8.46 -4.88 -18.01
C THR B 17 8.39 -6.39 -17.64
N HIS B 18 9.40 -6.88 -16.91
CA HIS B 18 9.49 -8.28 -16.51
C HIS B 18 8.73 -8.57 -15.24
N ARG B 19 8.27 -7.54 -14.53
CA ARG B 19 7.50 -7.69 -13.30
C ARG B 19 6.00 -7.82 -13.59
N PRO B 20 5.20 -8.44 -12.68
CA PRO B 20 3.72 -8.46 -12.89
C PRO B 20 3.23 -7.01 -12.95
N ARG B 21 2.19 -6.71 -13.76
CA ARG B 21 1.75 -5.33 -13.97
C ARG B 21 1.37 -4.60 -12.66
N GLU B 22 0.93 -5.33 -11.62
CA GLU B 22 0.56 -4.80 -10.29
C GLU B 22 1.73 -4.08 -9.61
N TYR B 23 2.99 -4.42 -9.97
CA TYR B 23 4.18 -3.77 -9.43
C TYR B 23 4.28 -2.29 -9.76
N TRP B 24 4.09 -1.92 -11.04
CA TRP B 24 4.26 -0.56 -11.55
C TRP B 24 2.94 0.13 -11.92
N ASP B 25 1.86 -0.63 -12.12
CA ASP B 25 0.56 -0.08 -12.45
C ASP B 25 -0.14 0.34 -11.13
N TYR B 26 0.40 1.38 -10.49
CA TYR B 26 -0.03 1.90 -9.19
C TYR B 26 -1.45 2.47 -9.13
N GLU B 27 -2.04 2.81 -10.29
CA GLU B 27 -3.40 3.36 -10.32
C GLU B 27 -4.42 2.30 -9.86
N SER B 28 -4.11 1.01 -10.07
CA SER B 28 -4.92 -0.15 -9.65
C SER B 28 -4.68 -0.54 -8.17
N HIS B 29 -3.68 0.11 -7.49
CA HIS B 29 -3.35 -0.16 -6.09
C HIS B 29 -4.53 0.18 -5.17
N VAL B 30 -4.88 -0.75 -4.28
CA VAL B 30 -5.98 -0.63 -3.31
C VAL B 30 -5.35 -0.34 -1.94
N VAL B 31 -5.63 0.83 -1.38
CA VAL B 31 -5.01 1.24 -0.11
C VAL B 31 -5.72 0.61 1.10
N GLU B 32 -4.92 0.00 2.00
CA GLU B 32 -5.43 -0.60 3.25
C GLU B 32 -5.07 0.30 4.43
N TRP B 33 -6.04 1.11 4.85
CA TRP B 33 -5.86 2.06 5.96
C TRP B 33 -5.70 1.39 7.34
N GLY B 34 -4.81 1.97 8.15
CA GLY B 34 -4.55 1.58 9.53
C GLY B 34 -5.37 2.44 10.46
N ASN B 35 -5.10 2.39 11.78
CA ASN B 35 -5.89 3.18 12.75
C ASN B 35 -5.32 4.60 12.99
N GLN B 36 -6.08 5.66 12.59
CA GLN B 36 -5.70 7.08 12.76
C GLN B 36 -5.55 7.48 14.25
N ASP B 37 -6.32 6.82 15.14
CA ASP B 37 -6.31 7.05 16.59
C ASP B 37 -5.12 6.39 17.25
N ASP B 38 -4.30 5.65 16.48
CA ASP B 38 -3.09 5.00 17.00
C ASP B 38 -2.01 6.03 17.15
N TYR B 39 -2.19 7.21 16.51
CA TYR B 39 -1.20 8.28 16.48
C TYR B 39 -1.71 9.60 17.07
N GLN B 40 -0.85 10.23 17.86
CA GLN B 40 -1.06 11.52 18.50
C GLN B 40 0.07 12.43 18.08
N LEU B 41 -0.26 13.54 17.38
CA LEU B 41 0.76 14.50 16.94
C LEU B 41 1.40 15.19 18.14
N VAL B 42 2.72 15.34 18.08
CA VAL B 42 3.56 15.96 19.10
C VAL B 42 3.86 17.41 18.64
N ARG B 43 4.62 17.56 17.56
CA ARG B 43 5.01 18.87 17.04
C ARG B 43 5.14 18.90 15.50
N LYS B 44 5.08 20.12 14.91
CA LYS B 44 5.25 20.33 13.46
C LYS B 44 6.72 20.25 13.12
N LEU B 45 7.05 19.47 12.08
CA LEU B 45 8.45 19.34 11.63
C LEU B 45 8.75 20.23 10.43
N GLY B 46 7.75 20.43 9.58
CA GLY B 46 7.83 21.28 8.40
C GLY B 46 6.58 21.22 7.53
N ARG B 47 6.61 21.97 6.43
CA ARG B 47 5.51 22.05 5.45
C ARG B 47 6.00 22.12 3.99
N GLY B 48 5.13 21.67 3.11
CA GLY B 48 5.32 21.66 1.67
C GLY B 48 4.11 22.26 0.97
N LYS B 49 4.19 22.37 -0.36
CA LYS B 49 3.11 22.91 -1.20
C LYS B 49 1.84 22.03 -1.04
N TYR B 50 2.06 20.70 -0.98
CA TYR B 50 1.00 19.70 -0.91
C TYR B 50 0.94 18.86 0.39
N SER B 51 1.76 19.21 1.43
CA SER B 51 1.83 18.43 2.68
C SER B 51 2.16 19.20 3.95
N GLU B 52 1.85 18.60 5.12
CA GLU B 52 2.15 19.03 6.49
C GLU B 52 2.83 17.86 7.20
N VAL B 53 4.00 18.10 7.80
CA VAL B 53 4.79 17.05 8.42
C VAL B 53 4.91 17.31 9.92
N PHE B 54 4.66 16.26 10.71
CA PHE B 54 4.63 16.24 12.17
C PHE B 54 5.35 15.04 12.76
N GLU B 55 5.89 15.23 13.98
CA GLU B 55 6.42 14.16 14.81
C GLU B 55 5.15 13.68 15.53
N ALA B 56 5.02 12.37 15.76
CA ALA B 56 3.86 11.81 16.43
C ALA B 56 4.27 10.69 17.32
N ILE B 57 3.36 10.27 18.20
CA ILE B 57 3.58 9.12 19.05
C ILE B 57 2.59 8.03 18.67
N ASN B 58 3.11 6.80 18.46
CA ASN B 58 2.29 5.62 18.23
C ASN B 58 1.94 5.19 19.67
N ILE B 59 0.70 5.48 20.08
CA ILE B 59 0.22 5.26 21.44
C ILE B 59 0.10 3.77 21.83
N THR B 60 0.17 2.86 20.85
CA THR B 60 0.09 1.41 21.04
C THR B 60 1.40 0.80 21.57
N ASN B 61 2.54 1.25 21.05
CA ASN B 61 3.86 0.74 21.45
C ASN B 61 4.84 1.83 21.90
N ASN B 62 4.33 3.07 22.08
CA ASN B 62 5.07 4.26 22.49
C ASN B 62 6.29 4.59 21.61
N GLU B 63 6.20 4.25 20.31
CA GLU B 63 7.26 4.55 19.34
C GLU B 63 7.02 5.92 18.72
N LYS B 64 8.10 6.64 18.47
CA LYS B 64 8.13 7.95 17.87
C LYS B 64 8.12 7.71 16.34
N VAL B 65 7.24 8.42 15.61
CA VAL B 65 7.04 8.30 14.17
C VAL B 65 6.99 9.71 13.51
N VAL B 66 6.96 9.75 12.16
CA VAL B 66 6.82 10.97 11.36
C VAL B 66 5.53 10.81 10.55
N VAL B 67 4.64 11.83 10.60
CA VAL B 67 3.35 11.83 9.88
C VAL B 67 3.32 12.93 8.82
N LYS B 68 3.21 12.54 7.56
CA LYS B 68 3.07 13.47 6.43
C LYS B 68 1.60 13.45 6.02
N ILE B 69 0.92 14.57 6.22
CA ILE B 69 -0.49 14.70 5.89
C ILE B 69 -0.54 15.23 4.47
N LEU B 70 -1.12 14.46 3.57
CA LEU B 70 -1.22 14.82 2.16
C LEU B 70 -2.59 15.42 1.92
N LYS B 71 -2.67 16.75 2.06
CA LYS B 71 -3.92 17.48 1.94
C LYS B 71 -4.49 17.47 0.48
N PRO B 72 -3.86 18.14 -0.53
CA PRO B 72 -4.50 18.19 -1.86
C PRO B 72 -4.05 17.22 -2.94
N VAL B 73 -2.90 16.53 -2.70
CA VAL B 73 -2.25 15.59 -3.62
C VAL B 73 -3.30 14.73 -4.37
N LYS B 74 -3.17 14.72 -5.72
CA LYS B 74 -3.94 13.95 -6.69
C LYS B 74 -3.91 12.47 -6.23
N LYS B 75 -5.06 11.79 -6.09
CA LYS B 75 -5.13 10.39 -5.61
C LYS B 75 -4.14 9.46 -6.36
N LYS B 76 -3.88 9.78 -7.63
CA LYS B 76 -2.96 9.08 -8.52
C LYS B 76 -1.53 9.17 -7.89
N LYS B 77 -1.11 10.39 -7.53
CA LYS B 77 0.20 10.66 -6.96
C LYS B 77 0.38 10.12 -5.52
N ILE B 78 -0.74 9.92 -4.80
CA ILE B 78 -0.75 9.36 -3.44
C ILE B 78 -0.52 7.85 -3.57
N LYS B 79 -1.30 7.20 -4.46
CA LYS B 79 -1.19 5.78 -4.78
C LYS B 79 0.21 5.49 -5.33
N ARG B 80 0.79 6.41 -6.13
CA ARG B 80 2.16 6.29 -6.63
C ARG B 80 3.19 6.25 -5.52
N GLU B 81 3.17 7.23 -4.62
CA GLU B 81 4.11 7.31 -3.52
C GLU B 81 4.03 6.08 -2.64
N ILE B 82 2.79 5.66 -2.26
CA ILE B 82 2.49 4.48 -1.42
C ILE B 82 3.03 3.22 -2.06
N LYS B 83 2.73 3.00 -3.36
CA LYS B 83 3.19 1.82 -4.11
C LYS B 83 4.69 1.70 -4.14
N ILE B 84 5.42 2.82 -4.37
CA ILE B 84 6.89 2.88 -4.42
C ILE B 84 7.50 2.52 -3.06
N LEU B 85 7.00 3.16 -1.97
CA LEU B 85 7.41 2.94 -0.59
C LEU B 85 7.22 1.49 -0.21
N GLU B 86 6.12 0.90 -0.70
CA GLU B 86 5.75 -0.49 -0.50
C GLU B 86 6.69 -1.43 -1.22
N ASN B 87 7.00 -1.17 -2.50
CA ASN B 87 7.94 -1.94 -3.30
C ASN B 87 9.36 -1.88 -2.74
N LEU B 88 9.75 -0.73 -2.18
CA LEU B 88 11.10 -0.51 -1.63
C LEU B 88 11.27 -0.92 -0.15
N ARG B 89 10.23 -1.45 0.51
CA ARG B 89 10.33 -1.83 1.92
C ARG B 89 11.43 -2.87 2.19
N GLY B 90 12.28 -2.59 3.16
CA GLY B 90 13.40 -3.46 3.52
C GLY B 90 14.67 -3.19 2.74
N GLY B 91 14.60 -2.25 1.79
CA GLY B 91 15.73 -1.87 0.96
C GLY B 91 16.77 -1.10 1.74
N PRO B 92 18.08 -1.19 1.38
CA PRO B 92 19.13 -0.50 2.16
C PRO B 92 19.02 1.03 2.13
N ASN B 93 18.92 1.63 3.34
CA ASN B 93 18.83 3.07 3.60
C ASN B 93 17.56 3.74 3.00
N ILE B 94 16.51 2.93 2.80
CA ILE B 94 15.24 3.42 2.27
C ILE B 94 14.38 3.61 3.51
N ILE B 95 13.76 4.81 3.68
CA ILE B 95 12.82 5.10 4.77
C ILE B 95 11.69 4.06 4.78
N THR B 96 11.28 3.64 5.97
CA THR B 96 10.21 2.68 6.09
C THR B 96 8.86 3.37 6.28
N LEU B 97 7.86 2.95 5.49
CA LEU B 97 6.48 3.41 5.64
C LEU B 97 5.87 2.45 6.68
N ALA B 98 5.63 2.96 7.89
CA ALA B 98 5.09 2.17 8.99
C ALA B 98 3.58 1.98 8.89
N ASP B 99 2.84 2.94 8.30
CA ASP B 99 1.37 2.88 8.20
C ASP B 99 0.84 3.94 7.25
N ILE B 100 -0.43 3.82 6.86
CA ILE B 100 -1.19 4.74 6.02
C ILE B 100 -2.59 4.89 6.66
N VAL B 101 -2.91 6.12 7.13
CA VAL B 101 -4.16 6.42 7.84
C VAL B 101 -4.94 7.56 7.14
N LYS B 102 -6.24 7.66 7.40
CA LYS B 102 -7.09 8.69 6.81
C LYS B 102 -7.51 9.72 7.84
N THR B 108 -8.90 12.90 4.61
CA THR B 108 -7.53 13.37 4.36
C THR B 108 -6.47 12.26 4.64
N PRO B 109 -5.73 11.75 3.63
CA PRO B 109 -4.72 10.72 3.90
C PRO B 109 -3.40 11.23 4.50
N ALA B 110 -2.80 10.41 5.38
CA ALA B 110 -1.52 10.69 6.02
C ALA B 110 -0.64 9.44 5.99
N LEU B 111 0.62 9.64 5.64
CA LEU B 111 1.62 8.57 5.61
C LEU B 111 2.45 8.64 6.90
N VAL B 112 2.61 7.50 7.55
CA VAL B 112 3.34 7.35 8.80
C VAL B 112 4.67 6.63 8.48
N PHE B 113 5.77 7.29 8.80
CA PHE B 113 7.13 6.84 8.52
C PHE B 113 7.87 6.55 9.78
N GLU B 114 8.96 5.76 9.67
CA GLU B 114 9.86 5.53 10.79
C GLU B 114 10.54 6.89 11.10
N HIS B 115 10.86 7.12 12.36
CA HIS B 115 11.49 8.36 12.79
C HIS B 115 12.99 8.16 12.80
N VAL B 116 13.71 9.17 12.28
CA VAL B 116 15.18 9.21 12.28
C VAL B 116 15.58 10.44 13.11
N ASN B 117 16.45 10.26 14.10
CA ASN B 117 16.90 11.37 14.95
C ASN B 117 17.98 12.17 14.22
N ASN B 118 17.52 13.05 13.33
CA ASN B 118 18.31 13.87 12.43
C ASN B 118 18.92 15.14 13.04
N THR B 119 20.06 15.55 12.47
CA THR B 119 20.76 16.79 12.73
C THR B 119 20.63 17.54 11.40
N ASP B 120 20.10 18.79 11.46
CA ASP B 120 19.95 19.65 10.28
C ASP B 120 21.27 19.69 9.53
N PHE B 121 21.23 19.42 8.21
CA PHE B 121 22.41 19.39 7.33
C PHE B 121 23.22 20.69 7.39
N LYS B 122 22.57 21.88 7.51
CA LYS B 122 23.20 23.20 7.65
C LYS B 122 24.14 23.24 8.90
N GLN B 123 23.83 22.44 9.92
CA GLN B 123 24.62 22.29 11.15
C GLN B 123 25.58 21.07 11.05
N LEU B 124 25.09 19.92 10.55
CA LEU B 124 25.86 18.68 10.43
C LEU B 124 27.00 18.70 9.41
N TYR B 125 26.72 19.16 8.18
CA TYR B 125 27.68 19.14 7.07
C TYR B 125 28.99 19.86 7.37
N GLN B 126 28.95 20.98 8.12
CA GLN B 126 30.13 21.77 8.49
C GLN B 126 31.13 21.01 9.40
N THR B 127 30.65 19.99 10.15
CA THR B 127 31.43 19.18 11.09
C THR B 127 31.88 17.84 10.47
N LEU B 128 31.53 17.61 9.20
CA LEU B 128 31.88 16.35 8.55
C LEU B 128 33.32 16.32 8.09
N THR B 129 33.99 15.19 8.38
CA THR B 129 35.36 14.92 7.97
C THR B 129 35.33 14.37 6.53
N ASP B 130 36.50 14.21 5.89
CA ASP B 130 36.66 13.60 4.56
C ASP B 130 36.08 12.16 4.62
N TYR B 131 36.36 11.40 5.69
CA TYR B 131 35.82 10.04 5.88
C TYR B 131 34.28 9.98 6.04
N ASP B 132 33.68 10.96 6.73
CA ASP B 132 32.23 11.06 6.93
C ASP B 132 31.52 11.28 5.60
N ILE B 133 32.08 12.12 4.73
CA ILE B 133 31.54 12.40 3.39
C ILE B 133 31.54 11.11 2.56
N ARG B 134 32.69 10.39 2.51
CA ARG B 134 32.82 9.12 1.77
C ARG B 134 31.87 8.06 2.33
N PHE B 135 31.70 8.00 3.66
CA PHE B 135 30.83 7.05 4.34
C PHE B 135 29.33 7.32 3.99
N TYR B 136 28.88 8.56 4.14
CA TYR B 136 27.51 8.92 3.88
C TYR B 136 27.15 8.92 2.39
N MET B 137 28.09 9.26 1.51
CA MET B 137 27.88 9.19 0.06
C MET B 137 27.70 7.74 -0.37
N TYR B 138 28.45 6.82 0.27
CA TYR B 138 28.37 5.39 -0.01
C TYR B 138 27.00 4.84 0.38
N GLU B 139 26.50 5.26 1.54
CA GLU B 139 25.19 4.88 2.09
C GLU B 139 24.02 5.38 1.20
N ILE B 140 24.14 6.60 0.61
CA ILE B 140 23.13 7.13 -0.30
C ILE B 140 23.13 6.26 -1.58
N LEU B 141 24.33 5.89 -2.06
CA LEU B 141 24.54 5.05 -3.25
C LEU B 141 23.92 3.69 -3.11
N LYS B 142 23.89 3.16 -1.88
CA LYS B 142 23.26 1.87 -1.57
C LYS B 142 21.73 1.98 -1.82
N ALA B 143 21.14 3.09 -1.37
CA ALA B 143 19.72 3.40 -1.49
C ALA B 143 19.33 3.64 -2.97
N LEU B 144 20.21 4.37 -3.72
CA LEU B 144 20.05 4.70 -5.13
C LEU B 144 20.24 3.48 -6.02
N ASP B 145 21.25 2.66 -5.75
CA ASP B 145 21.41 1.44 -6.55
C ASP B 145 20.26 0.47 -6.29
N TYR B 146 19.80 0.39 -5.04
CA TYR B 146 18.66 -0.47 -4.73
C TYR B 146 17.37 -0.01 -5.44
N CYS B 147 17.00 1.29 -5.32
CA CYS B 147 15.78 1.81 -5.91
C CYS B 147 15.86 1.79 -7.44
N HIS B 148 17.02 2.09 -8.06
CA HIS B 148 17.17 1.98 -9.53
C HIS B 148 16.99 0.52 -9.97
N SER B 149 17.60 -0.45 -9.21
CA SER B 149 17.49 -1.88 -9.51
C SER B 149 16.03 -2.38 -9.49
N MET B 150 15.19 -1.67 -8.72
CA MET B 150 13.78 -1.90 -8.49
C MET B 150 12.90 -1.12 -9.47
N GLY B 151 13.53 -0.47 -10.46
CA GLY B 151 12.86 0.29 -11.51
C GLY B 151 12.28 1.63 -11.08
N ILE B 152 12.87 2.26 -10.04
CA ILE B 152 12.39 3.51 -9.49
C ILE B 152 13.46 4.61 -9.53
N MET B 153 13.04 5.82 -9.91
CA MET B 153 13.88 7.01 -9.89
C MET B 153 13.34 7.85 -8.72
N HIS B 154 14.22 8.32 -7.83
CA HIS B 154 13.81 9.14 -6.68
C HIS B 154 13.33 10.54 -7.17
N ARG B 155 14.07 11.17 -8.10
CA ARG B 155 13.81 12.47 -8.74
C ARG B 155 13.80 13.70 -7.78
N ASP B 156 14.21 13.53 -6.52
CA ASP B 156 14.33 14.64 -5.59
C ASP B 156 15.51 14.46 -4.61
N VAL B 157 16.69 14.10 -5.13
CA VAL B 157 17.89 13.92 -4.29
C VAL B 157 18.47 15.33 -3.95
N LYS B 158 18.47 15.65 -2.66
CA LYS B 158 18.89 16.92 -2.08
C LYS B 158 19.21 16.71 -0.60
N PRO B 159 20.02 17.58 0.09
CA PRO B 159 20.35 17.33 1.50
C PRO B 159 19.14 17.18 2.42
N HIS B 160 18.05 17.94 2.17
CA HIS B 160 16.78 17.87 2.93
C HIS B 160 16.17 16.46 2.94
N ASN B 161 16.29 15.68 1.85
CA ASN B 161 15.71 14.33 1.75
C ASN B 161 16.65 13.18 2.20
N VAL B 162 17.73 13.53 2.86
CA VAL B 162 18.69 12.56 3.38
C VAL B 162 18.73 12.78 4.89
N MET B 163 18.11 11.87 5.66
CA MET B 163 18.07 11.90 7.12
C MET B 163 19.26 11.16 7.68
N ILE B 164 20.06 11.82 8.53
CA ILE B 164 21.25 11.20 9.14
C ILE B 164 21.21 11.33 10.65
N ASP B 165 21.29 10.18 11.35
CA ASP B 165 21.39 10.05 12.81
C ASP B 165 22.91 9.80 13.01
N HIS B 166 23.71 10.89 13.03
CA HIS B 166 25.17 10.87 13.11
C HIS B 166 25.75 9.99 14.23
N GLU B 167 25.16 10.06 15.44
CA GLU B 167 25.53 9.27 16.63
C GLU B 167 25.50 7.78 16.32
N HIS B 168 24.53 7.35 15.52
CA HIS B 168 24.33 5.95 15.14
C HIS B 168 24.77 5.59 13.74
N ARG B 169 25.40 6.54 13.00
CA ARG B 169 25.91 6.39 11.62
C ARG B 169 24.82 5.77 10.69
N LYS B 170 23.55 6.15 10.96
CA LYS B 170 22.34 5.68 10.30
C LYS B 170 21.86 6.78 9.31
N LEU B 171 21.58 6.40 8.05
CA LEU B 171 21.13 7.29 6.97
C LEU B 171 19.86 6.74 6.30
N ARG B 172 18.87 7.60 6.00
CA ARG B 172 17.64 7.21 5.27
C ARG B 172 17.34 8.20 4.17
N LEU B 173 17.06 7.68 2.98
CA LEU B 173 16.65 8.45 1.82
C LEU B 173 15.15 8.53 1.96
N ILE B 174 14.67 9.75 2.26
CA ILE B 174 13.25 10.04 2.51
C ILE B 174 12.58 10.78 1.30
N ASP B 175 11.27 11.07 1.48
CA ASP B 175 10.38 11.81 0.57
C ASP B 175 10.40 11.31 -0.89
N TRP B 176 9.60 10.26 -1.10
CA TRP B 176 9.42 9.54 -2.34
C TRP B 176 8.20 10.06 -3.15
N GLY B 177 7.71 11.25 -2.76
CA GLY B 177 6.57 11.96 -3.35
C GLY B 177 6.72 12.36 -4.81
N LEU B 178 7.97 12.55 -5.28
CA LEU B 178 8.29 12.87 -6.69
C LEU B 178 8.82 11.66 -7.46
N ALA B 179 8.96 10.50 -6.81
CA ALA B 179 9.48 9.28 -7.42
C ALA B 179 8.58 8.70 -8.46
N GLU B 180 9.19 8.18 -9.53
CA GLU B 180 8.46 7.54 -10.63
C GLU B 180 9.06 6.20 -10.99
N PHE B 181 8.25 5.33 -11.64
CA PHE B 181 8.69 4.05 -12.16
C PHE B 181 9.36 4.34 -13.50
N TYR B 182 10.53 3.74 -13.73
CA TYR B 182 11.17 3.94 -15.03
C TYR B 182 10.64 2.95 -16.08
N HIS B 183 10.18 3.47 -17.25
CA HIS B 183 9.73 2.65 -18.39
C HIS B 183 10.43 3.17 -19.64
N PRO B 184 11.07 2.31 -20.46
CA PRO B 184 11.77 2.80 -21.66
C PRO B 184 10.84 3.45 -22.67
N GLY B 185 11.27 4.60 -23.20
CA GLY B 185 10.50 5.40 -24.14
C GLY B 185 9.54 6.41 -23.52
N GLN B 186 9.38 6.38 -22.16
CA GLN B 186 8.48 7.30 -21.48
C GLN B 186 9.06 8.70 -21.36
N GLU B 187 8.25 9.69 -21.70
CA GLU B 187 8.62 11.08 -21.57
C GLU B 187 8.05 11.55 -20.25
N TYR B 188 8.92 12.01 -19.35
CA TYR B 188 8.52 12.44 -18.02
C TYR B 188 8.41 13.96 -17.89
N ASN B 189 7.72 14.41 -16.83
CA ASN B 189 7.62 15.83 -16.52
C ASN B 189 9.02 16.34 -16.02
N VAL B 190 9.51 17.44 -16.61
CA VAL B 190 10.82 18.00 -16.25
C VAL B 190 10.72 18.88 -14.99
N ARG B 191 9.50 19.14 -14.51
CA ARG B 191 9.22 19.94 -13.32
C ARG B 191 9.26 19.06 -12.07
N VAL B 192 10.47 18.55 -11.79
CA VAL B 192 10.78 17.66 -10.67
C VAL B 192 12.10 18.16 -10.06
N ALA B 193 12.43 17.71 -8.83
CA ALA B 193 13.62 18.08 -8.04
C ALA B 193 13.65 19.57 -7.62
N SER B 194 14.53 19.92 -6.69
CA SER B 194 14.77 21.29 -6.28
C SER B 194 15.75 21.87 -7.33
N ARG B 195 15.58 23.13 -7.68
CA ARG B 195 16.35 23.86 -8.69
C ARG B 195 17.84 23.60 -8.70
N TYR B 196 18.50 23.71 -7.52
CA TYR B 196 19.95 23.56 -7.37
C TYR B 196 20.47 22.17 -7.72
N PHE B 197 19.55 21.18 -7.71
CA PHE B 197 19.78 19.76 -7.92
C PHE B 197 19.24 19.23 -9.25
N LYS B 198 18.59 20.12 -10.03
CA LYS B 198 18.02 19.78 -11.33
C LYS B 198 19.12 19.46 -12.33
N GLY B 199 19.01 18.27 -12.92
CA GLY B 199 19.88 17.82 -13.99
C GLY B 199 19.70 18.67 -15.24
N PRO B 200 20.76 18.82 -16.07
CA PRO B 200 20.63 19.61 -17.31
C PRO B 200 19.45 19.20 -18.24
N GLU B 201 19.07 17.90 -18.23
CA GLU B 201 17.96 17.36 -19.01
C GLU B 201 16.64 18.05 -18.67
N LEU B 202 16.43 18.36 -17.38
CA LEU B 202 15.24 19.05 -16.89
C LEU B 202 15.31 20.52 -17.32
N LEU B 203 16.52 21.11 -17.31
CA LEU B 203 16.75 22.52 -17.62
C LEU B 203 16.63 22.85 -19.09
N VAL B 204 16.87 21.86 -19.98
CA VAL B 204 16.79 22.03 -21.43
C VAL B 204 15.48 21.45 -22.02
N ASP B 205 14.69 20.78 -21.16
CA ASP B 205 13.40 20.16 -21.42
C ASP B 205 13.54 18.86 -22.26
N TYR B 206 14.48 18.02 -21.85
CA TYR B 206 14.67 16.71 -22.42
C TYR B 206 13.95 15.76 -21.47
N GLN B 207 12.81 15.25 -21.93
CA GLN B 207 11.85 14.45 -21.20
C GLN B 207 12.15 12.95 -21.09
N MET B 208 12.88 12.38 -22.05
CA MET B 208 13.14 10.94 -22.05
C MET B 208 14.37 10.61 -21.19
N TYR B 209 14.33 11.06 -19.92
CA TYR B 209 15.40 10.89 -18.92
C TYR B 209 15.23 9.59 -18.09
N ASP B 210 16.22 9.27 -17.26
CA ASP B 210 16.17 8.02 -16.48
C ASP B 210 16.79 8.17 -15.09
N TYR B 211 17.18 7.04 -14.48
CA TYR B 211 17.79 6.93 -13.15
C TYR B 211 19.02 7.85 -12.97
N SER B 212 19.76 8.09 -14.07
CA SER B 212 20.94 8.93 -14.11
C SER B 212 20.70 10.37 -13.62
N LEU B 213 19.42 10.82 -13.55
CA LEU B 213 19.04 12.14 -13.05
C LEU B 213 19.45 12.26 -11.57
N ASP B 214 19.23 11.20 -10.79
CA ASP B 214 19.56 11.08 -9.39
C ASP B 214 21.08 11.20 -9.17
N MET B 215 21.88 10.81 -10.18
CA MET B 215 23.34 10.83 -10.17
C MET B 215 23.87 12.24 -10.29
N TRP B 216 23.20 13.09 -11.12
CA TRP B 216 23.52 14.51 -11.24
C TRP B 216 23.31 15.14 -9.83
N SER B 217 22.11 14.95 -9.24
CA SER B 217 21.68 15.45 -7.92
C SER B 217 22.69 15.08 -6.83
N LEU B 218 23.17 13.83 -6.86
CA LEU B 218 24.18 13.35 -5.93
C LEU B 218 25.52 14.13 -6.11
N GLY B 219 25.87 14.43 -7.36
CA GLY B 219 27.06 15.19 -7.71
C GLY B 219 27.02 16.62 -7.21
N CYS B 220 25.81 17.21 -7.19
CA CYS B 220 25.56 18.56 -6.67
C CYS B 220 25.77 18.57 -5.16
N MET B 221 25.31 17.51 -4.50
CA MET B 221 25.46 17.30 -3.07
C MET B 221 26.91 17.15 -2.67
N LEU B 222 27.67 16.30 -3.40
CA LEU B 222 29.08 16.03 -3.14
C LEU B 222 29.90 17.31 -3.27
N ALA B 223 29.64 18.10 -4.33
CA ALA B 223 30.30 19.37 -4.61
C ALA B 223 30.08 20.36 -3.46
N SER B 224 28.87 20.44 -2.92
CA SER B 224 28.58 21.35 -1.81
C SER B 224 29.27 20.92 -0.51
N MET B 225 29.44 19.61 -0.31
CA MET B 225 30.08 19.03 0.87
C MET B 225 31.63 19.20 0.86
N ILE B 226 32.31 18.81 -0.26
CA ILE B 226 33.78 18.88 -0.39
C ILE B 226 34.29 20.33 -0.55
N PHE B 227 33.53 21.21 -1.21
CA PHE B 227 33.91 22.60 -1.41
C PHE B 227 33.35 23.57 -0.35
N ARG B 228 32.55 23.05 0.60
CA ARG B 228 31.90 23.81 1.69
C ARG B 228 31.05 24.99 1.15
N LYS B 229 30.31 24.74 0.04
CA LYS B 229 29.46 25.73 -0.61
C LYS B 229 28.08 25.13 -0.80
N GLU B 230 27.13 25.43 0.11
CA GLU B 230 25.78 24.89 0.05
C GLU B 230 24.71 25.96 -0.28
N PRO B 231 23.99 25.88 -1.46
CA PRO B 231 24.15 24.90 -2.56
C PRO B 231 25.32 25.25 -3.46
N PHE B 232 25.88 24.26 -4.20
CA PHE B 232 27.01 24.55 -5.09
C PHE B 232 26.58 25.42 -6.28
N PHE B 233 25.68 24.93 -7.15
CA PHE B 233 25.11 25.65 -8.27
C PHE B 233 23.88 26.36 -7.72
N HIS B 234 24.00 27.67 -7.48
CA HIS B 234 22.97 28.47 -6.83
C HIS B 234 22.24 29.43 -7.79
N GLY B 235 21.39 28.87 -8.64
CA GLY B 235 20.59 29.61 -9.60
C GLY B 235 19.38 30.27 -8.98
N HIS B 236 18.93 31.38 -9.59
CA HIS B 236 17.79 32.20 -9.17
C HIS B 236 16.51 31.75 -9.85
N ASP B 237 16.66 31.09 -11.01
CA ASP B 237 15.60 30.50 -11.84
C ASP B 237 16.17 29.28 -12.58
N ASN B 238 15.38 28.65 -13.46
CA ASN B 238 15.83 27.47 -14.21
C ASN B 238 16.78 27.85 -15.36
N TYR B 239 16.60 29.05 -15.95
CA TYR B 239 17.50 29.58 -17.00
C TYR B 239 18.90 29.93 -16.43
N ASP B 240 18.94 30.67 -15.30
CA ASP B 240 20.11 31.06 -14.55
C ASP B 240 20.79 29.81 -13.92
N GLN B 241 20.01 28.75 -13.59
CA GLN B 241 20.55 27.49 -13.09
C GLN B 241 21.47 26.83 -14.16
N LEU B 242 21.04 26.75 -15.45
CA LEU B 242 21.86 26.19 -16.52
C LEU B 242 23.09 27.03 -16.78
N VAL B 243 22.95 28.38 -16.71
CA VAL B 243 24.02 29.38 -16.88
C VAL B 243 25.16 29.20 -15.83
N ARG B 244 24.81 28.96 -14.56
CA ARG B 244 25.79 28.73 -13.47
C ARG B 244 26.54 27.41 -13.65
N ILE B 245 25.86 26.38 -14.18
CA ILE B 245 26.44 25.07 -14.53
C ILE B 245 27.37 25.28 -15.74
N ALA B 246 26.90 25.98 -16.81
CA ALA B 246 27.67 26.27 -18.02
C ALA B 246 28.96 27.04 -17.73
N LYS B 247 28.96 27.84 -16.67
CA LYS B 247 30.14 28.60 -16.26
C LYS B 247 31.22 27.70 -15.62
N VAL B 248 30.82 26.52 -15.10
CA VAL B 248 31.70 25.54 -14.45
C VAL B 248 32.08 24.43 -15.47
N LEU B 249 31.08 23.82 -16.13
CA LEU B 249 31.28 22.73 -17.09
C LEU B 249 31.58 23.17 -18.55
N GLY B 250 31.43 24.47 -18.83
CA GLY B 250 31.67 25.02 -20.16
C GLY B 250 30.50 24.83 -21.09
N THR B 251 30.37 25.72 -22.07
CA THR B 251 29.28 25.71 -23.05
C THR B 251 29.50 24.66 -24.13
N GLU B 252 30.76 24.29 -24.39
CA GLU B 252 31.16 23.31 -25.43
C GLU B 252 30.47 21.96 -25.27
N ASP B 253 30.56 21.33 -24.08
CA ASP B 253 29.93 20.03 -23.84
C ASP B 253 28.40 20.14 -23.82
N LEU B 254 27.85 21.30 -23.34
CA LEU B 254 26.43 21.65 -23.32
C LEU B 254 25.85 21.68 -24.73
N TYR B 255 26.51 22.41 -25.66
CA TYR B 255 26.08 22.48 -27.07
C TYR B 255 26.29 21.14 -27.80
N ASP B 256 27.30 20.32 -27.42
CA ASP B 256 27.48 18.98 -27.99
C ASP B 256 26.35 18.04 -27.54
N TYR B 257 25.80 18.28 -26.33
CA TYR B 257 24.69 17.55 -25.72
C TYR B 257 23.36 17.93 -26.39
N ILE B 258 23.13 19.23 -26.62
CA ILE B 258 21.95 19.77 -27.33
C ILE B 258 21.90 19.10 -28.71
N ASP B 259 23.05 19.06 -29.38
CA ASP B 259 23.24 18.49 -30.70
C ASP B 259 22.97 16.99 -30.78
N LYS B 260 23.59 16.17 -29.88
CA LYS B 260 23.49 14.70 -29.84
C LYS B 260 22.04 14.19 -29.70
N TYR B 261 21.24 14.90 -28.89
CA TYR B 261 19.86 14.56 -28.63
C TYR B 261 18.87 15.38 -29.44
N ASN B 262 19.40 16.23 -30.36
CA ASN B 262 18.63 17.13 -31.21
C ASN B 262 17.58 17.95 -30.38
N ILE B 263 18.04 18.53 -29.27
CA ILE B 263 17.24 19.30 -28.34
C ILE B 263 16.96 20.73 -28.87
N GLU B 264 15.67 21.11 -28.85
CA GLU B 264 15.23 22.43 -29.24
C GLU B 264 15.40 23.28 -27.99
N LEU B 265 16.43 24.14 -28.00
CA LEU B 265 16.76 25.00 -26.88
C LEU B 265 15.87 26.24 -26.86
N ASP B 266 15.31 26.54 -25.67
CA ASP B 266 14.43 27.69 -25.43
C ASP B 266 15.10 28.98 -25.97
N PRO B 267 14.37 29.83 -26.76
CA PRO B 267 14.99 31.07 -27.29
C PRO B 267 15.62 32.00 -26.25
N ARG B 268 15.15 31.89 -24.98
CA ARG B 268 15.62 32.66 -23.81
C ARG B 268 17.10 32.36 -23.41
N PHE B 269 17.60 31.15 -23.71
CA PHE B 269 18.97 30.72 -23.35
C PHE B 269 20.07 31.30 -24.23
N ASN B 270 19.73 31.68 -25.47
CA ASN B 270 20.66 32.20 -26.47
C ASN B 270 21.46 33.43 -25.98
N ASP B 271 20.76 34.45 -25.47
CA ASP B 271 21.37 35.69 -24.99
C ASP B 271 21.96 35.63 -23.56
N ILE B 272 21.88 34.46 -22.88
CA ILE B 272 22.35 34.36 -21.49
C ILE B 272 23.41 33.26 -21.27
N LEU B 273 23.46 32.21 -22.12
CA LEU B 273 24.43 31.12 -21.98
C LEU B 273 25.87 31.55 -22.33
N GLY B 274 26.01 32.31 -23.42
CA GLY B 274 27.29 32.79 -23.90
C GLY B 274 28.26 31.72 -24.35
N ARG B 275 29.51 31.88 -23.89
CA ARG B 275 30.65 31.02 -24.21
C ARG B 275 31.49 30.96 -22.96
N HIS B 276 31.63 29.74 -22.42
CA HIS B 276 32.39 29.48 -21.19
C HIS B 276 33.25 28.25 -21.34
N SER B 277 34.45 28.33 -20.81
CA SER B 277 35.38 27.21 -20.81
C SER B 277 35.01 26.32 -19.62
N ARG B 278 35.41 25.04 -19.69
CA ARG B 278 35.21 24.13 -18.59
C ARG B 278 36.32 24.44 -17.59
N LYS B 279 35.92 24.76 -16.37
CA LYS B 279 36.88 25.12 -15.33
C LYS B 279 37.50 23.89 -14.68
N ARG B 280 38.71 24.06 -14.12
CA ARG B 280 39.40 23.01 -13.38
C ARG B 280 38.92 23.14 -11.93
N TRP B 281 38.63 22.00 -11.27
CA TRP B 281 38.10 21.94 -9.91
C TRP B 281 38.95 22.67 -8.86
N GLU B 282 40.26 22.85 -9.16
CA GLU B 282 41.24 23.55 -8.32
C GLU B 282 40.78 24.95 -7.88
N ARG B 283 40.02 25.66 -8.73
CA ARG B 283 39.55 27.03 -8.49
C ARG B 283 38.48 27.14 -7.38
N PHE B 284 37.89 26.02 -6.94
CA PHE B 284 36.89 26.01 -5.86
C PHE B 284 37.51 25.58 -4.54
N VAL B 285 38.79 25.17 -4.60
CA VAL B 285 39.62 24.74 -3.47
C VAL B 285 40.25 25.98 -2.80
N HIS B 286 40.14 26.03 -1.47
CA HIS B 286 40.67 27.06 -0.60
C HIS B 286 41.06 26.44 0.76
N SER B 287 41.74 27.22 1.63
CA SER B 287 42.26 26.80 2.93
C SER B 287 41.21 26.16 3.84
N GLU B 288 39.95 26.63 3.75
CA GLU B 288 38.86 26.10 4.56
C GLU B 288 38.30 24.75 4.10
N ASN B 289 38.46 24.38 2.80
CA ASN B 289 37.91 23.10 2.31
C ASN B 289 38.92 22.04 1.88
N GLN B 290 40.19 22.44 1.64
CA GLN B 290 41.30 21.60 1.13
C GLN B 290 41.44 20.20 1.78
N HIS B 291 41.10 20.05 3.07
CA HIS B 291 41.18 18.78 3.78
C HIS B 291 40.09 17.77 3.33
N LEU B 292 39.00 18.27 2.71
CA LEU B 292 37.87 17.47 2.20
C LEU B 292 38.04 17.13 0.68
N VAL B 293 38.91 17.91 -0.04
CA VAL B 293 39.21 17.77 -1.46
C VAL B 293 40.48 16.94 -1.68
N SER B 294 40.44 16.01 -2.64
CA SER B 294 41.51 15.06 -2.95
C SER B 294 41.38 14.62 -4.41
N PRO B 295 42.46 14.10 -5.08
CA PRO B 295 42.30 13.63 -6.46
C PRO B 295 41.17 12.63 -6.65
N GLU B 296 40.94 11.72 -5.67
CA GLU B 296 39.86 10.71 -5.65
C GLU B 296 38.51 11.39 -5.70
N ALA B 297 38.28 12.36 -4.80
CA ALA B 297 37.05 13.16 -4.69
C ALA B 297 36.74 13.92 -5.97
N LEU B 298 37.75 14.54 -6.60
CA LEU B 298 37.55 15.31 -7.85
C LEU B 298 37.26 14.42 -9.05
N ASP B 299 37.91 13.23 -9.10
CA ASP B 299 37.70 12.25 -10.16
C ASP B 299 36.25 11.78 -10.19
N PHE B 300 35.72 11.38 -9.02
CA PHE B 300 34.35 10.91 -8.78
C PHE B 300 33.33 12.01 -9.14
N LEU B 301 33.54 13.23 -8.60
CA LEU B 301 32.69 14.39 -8.84
C LEU B 301 32.55 14.69 -10.34
N ASP B 302 33.67 14.62 -11.06
CA ASP B 302 33.73 14.83 -12.50
C ASP B 302 32.93 13.77 -13.24
N LYS B 303 32.94 12.54 -12.70
CA LYS B 303 32.29 11.39 -13.31
C LYS B 303 30.78 11.35 -13.06
N LEU B 304 30.27 12.23 -12.16
CA LEU B 304 28.83 12.38 -11.86
C LEU B 304 28.26 13.58 -12.59
N LEU B 305 28.98 14.70 -12.55
CA LEU B 305 28.54 15.96 -13.15
C LEU B 305 28.83 16.07 -14.63
N ARG B 306 28.00 15.42 -15.45
CA ARG B 306 28.08 15.42 -16.93
C ARG B 306 26.73 15.84 -17.50
N TYR B 307 26.70 16.60 -18.61
CA TYR B 307 25.48 17.07 -19.28
C TYR B 307 24.75 15.88 -19.84
N ASP B 308 25.50 15.05 -20.57
CA ASP B 308 24.96 13.84 -21.17
C ASP B 308 24.73 12.87 -20.04
N HIS B 309 23.45 12.59 -19.80
CA HIS B 309 22.97 11.72 -18.74
C HIS B 309 23.46 10.28 -18.91
N GLN B 310 23.71 9.85 -20.17
CA GLN B 310 24.16 8.50 -20.53
C GLN B 310 25.62 8.27 -20.16
N SER B 311 26.39 9.35 -19.99
CA SER B 311 27.82 9.31 -19.68
C SER B 311 28.17 9.45 -18.18
N ARG B 312 27.17 9.65 -17.29
CA ARG B 312 27.41 9.72 -15.84
C ARG B 312 27.52 8.31 -15.28
N LEU B 313 28.16 8.18 -14.11
CA LEU B 313 28.31 6.91 -13.43
C LEU B 313 26.95 6.41 -13.00
N THR B 314 26.79 5.08 -12.99
CA THR B 314 25.58 4.45 -12.47
C THR B 314 25.87 4.40 -10.96
N ALA B 315 24.87 4.14 -10.11
CA ALA B 315 25.12 4.05 -8.67
C ALA B 315 26.11 2.90 -8.32
N ARG B 316 26.05 1.77 -9.04
CA ARG B 316 26.96 0.63 -8.84
C ARG B 316 28.39 0.92 -9.32
N GLU B 317 28.56 1.71 -10.43
CA GLU B 317 29.87 2.13 -10.93
C GLU B 317 30.53 3.05 -9.92
N ALA B 318 29.72 3.99 -9.37
CA ALA B 318 30.10 4.97 -8.35
C ALA B 318 30.51 4.24 -7.10
N MET B 319 29.78 3.19 -6.71
CA MET B 319 30.12 2.40 -5.52
C MET B 319 31.49 1.70 -5.62
N GLU B 320 32.00 1.52 -6.85
CA GLU B 320 33.24 0.84 -7.17
C GLU B 320 34.43 1.80 -7.41
N HIS B 321 34.18 3.12 -7.28
CA HIS B 321 35.18 4.18 -7.43
C HIS B 321 36.24 4.18 -6.29
N PRO B 322 37.55 4.45 -6.62
CA PRO B 322 38.60 4.55 -5.57
C PRO B 322 38.30 5.42 -4.34
N TYR B 323 37.46 6.46 -4.48
CA TYR B 323 37.03 7.37 -3.40
C TYR B 323 36.40 6.60 -2.22
N PHE B 324 35.82 5.42 -2.47
CA PHE B 324 35.19 4.62 -1.42
C PHE B 324 36.01 3.43 -0.95
N TYR B 325 37.25 3.21 -1.46
CA TYR B 325 38.08 2.04 -1.09
C TYR B 325 38.22 1.84 0.43
N THR B 326 38.50 2.90 1.22
CA THR B 326 38.63 2.74 2.68
C THR B 326 37.26 2.53 3.36
N VAL B 327 36.15 3.11 2.85
CA VAL B 327 34.84 2.84 3.47
C VAL B 327 34.40 1.36 3.17
N VAL B 328 34.74 0.81 1.97
CA VAL B 328 34.45 -0.58 1.55
C VAL B 328 35.25 -1.61 2.38
N LYS B 329 36.54 -1.34 2.58
CA LYS B 329 37.48 -2.16 3.36
C LYS B 329 37.01 -2.20 4.82
N ASP B 330 36.74 -1.01 5.42
CA ASP B 330 36.29 -0.88 6.80
C ASP B 330 35.00 -1.63 7.15
N GLN B 331 34.03 -1.78 6.21
CA GLN B 331 32.80 -2.50 6.53
C GLN B 331 32.81 -3.98 6.07
N ALA B 332 34.00 -4.50 5.67
CA ALA B 332 34.19 -5.89 5.27
C ALA B 332 34.95 -6.66 6.35
S SO4 C . -13.91 -13.89 -8.56
O1 SO4 C . -13.61 -14.33 -9.92
O2 SO4 C . -14.55 -14.98 -7.87
O3 SO4 C . -12.69 -13.48 -7.89
O4 SO4 C . -14.81 -12.74 -8.55
S SO4 D . -5.40 -9.08 -3.81
O1 SO4 D . -6.76 -9.55 -3.47
O2 SO4 D . -4.55 -10.23 -4.14
O3 SO4 D . -5.50 -8.17 -4.98
O4 SO4 D . -4.82 -8.35 -2.69
S SO4 E . -29.01 -8.05 -19.42
O1 SO4 E . -28.37 -8.84 -20.47
O2 SO4 E . -30.42 -7.81 -19.76
O3 SO4 E . -28.93 -8.78 -18.16
O4 SO4 E . -28.33 -6.77 -19.28
S SO4 F . 3.54 -15.91 25.31
O1 SO4 F . 3.31 -17.34 24.99
O2 SO4 F . 2.89 -15.08 24.29
O3 SO4 F . 2.99 -15.52 26.63
O4 SO4 F . 5.00 -15.64 25.31
S SO4 G . -27.58 -3.79 -22.48
O1 SO4 G . -28.27 -5.04 -22.88
O2 SO4 G . -27.26 -3.02 -23.70
O3 SO4 G . -26.35 -4.09 -21.74
O4 SO4 G . -28.46 -2.99 -21.62
S SO4 H . -14.70 -2.02 -3.53
O1 SO4 H . -13.82 -2.98 -4.20
O2 SO4 H . -15.87 -1.71 -4.38
O3 SO4 H . -13.93 -0.80 -3.27
O4 SO4 H . -15.14 -2.60 -2.25
C1 EDO I . 9.08 -14.54 18.67
O1 EDO I . 9.35 -15.90 18.44
C2 EDO I . 9.33 -13.73 17.39
O2 EDO I . 8.20 -12.93 17.08
C1 EDO J . -30.94 5.42 -10.34
O1 EDO J . -31.27 4.06 -10.44
C2 EDO J . -32.21 6.28 -10.52
O2 EDO J . -33.30 5.66 -9.86
C1 EDO K . -13.77 -27.01 6.44
O1 EDO K . -13.83 -28.19 5.66
C2 EDO K . -14.53 -27.13 7.81
O2 EDO K . -13.99 -26.30 8.85
C1 EDO L . -20.58 -21.13 -13.28
O1 EDO L . -21.18 -22.05 -12.37
C2 EDO L . -21.55 -19.97 -13.48
O2 EDO L . -22.79 -20.48 -13.92
C1 EDO M . -12.34 -25.89 25.58
O1 EDO M . -11.67 -26.83 24.76
C2 EDO M . -13.27 -26.63 26.58
O2 EDO M . -14.15 -25.66 27.11
C1 EDO N . -18.79 0.67 3.32
O1 EDO N . -19.64 0.54 4.47
C2 EDO N . -18.48 -0.74 2.73
O2 EDO N . -19.68 -1.48 2.51
C1 EDO O . -12.12 -32.69 -3.84
O1 EDO O . -13.45 -32.82 -3.37
C2 EDO O . -12.09 -33.32 -5.26
O2 EDO O . -10.81 -33.15 -5.85
C1 EDO P . -24.28 -27.68 10.56
O1 EDO P . -22.99 -27.18 10.21
C2 EDO P . -24.70 -28.86 9.63
O2 EDO P . -26.10 -29.07 9.78
C1 EDO Q . -5.47 -18.53 25.38
O1 EDO Q . -4.13 -18.05 25.40
C2 EDO Q . -5.69 -19.72 24.39
O2 EDO Q . -7.07 -19.99 24.16
C1 EDO R . -21.43 -10.52 29.16
O1 EDO R . -22.13 -9.69 30.06
C2 EDO R . -21.61 -12.01 29.56
O2 EDO R . -22.90 -12.44 29.18
C1 EDO S . -18.89 -7.58 -8.87
O1 EDO S . -17.63 -8.18 -9.14
C2 EDO S . -19.95 -8.66 -8.48
O2 EDO S . -21.29 -8.17 -8.65
C1 EDO T . -3.08 -19.16 19.48
O1 EDO T . -2.15 -18.15 19.12
C2 EDO T . -3.25 -19.20 21.02
O2 EDO T . -2.03 -19.53 21.66
C1 S8W U . -23.06 -1.99 -0.85
C2 S8W U . -21.90 0.09 0.06
C3 S8W U . -22.85 0.35 1.05
N6 S8W U . -25.31 0.38 2.75
C7 S8W U . -26.66 1.84 4.80
C8 S8W U . -26.61 3.75 6.25
C9 S8W U . -27.28 4.63 7.24
C10 S8W U . -27.13 5.07 5.83
C11 S8W U . -28.43 -0.97 3.82
C12 S8W U . -27.33 -1.10 2.97
C13 S8W U . -27.06 -2.12 2.00
C14 S8W U . -26.50 -0.02 3.25
C15 S8W U . -21.73 2.41 1.60
C16 S8W U . -20.78 2.15 0.63
C19 S8W U . -19.83 0.05 -2.45
C20 S8W U . -18.92 -0.39 -1.34
C21 S8W U . -17.43 -0.21 -1.51
N5 S8W U . -26.78 -2.91 1.21
N4 S8W U . -28.36 0.10 4.60
N3 S8W U . -27.17 0.69 4.25
N2 S8W U . -27.29 2.55 5.77
C6 S8W U . -25.44 2.24 4.29
C5 S8W U . -24.81 1.50 3.28
N1 S8W U . -23.62 1.94 2.84
C4 S8W U . -22.77 1.51 1.81
C17 S8W U . -20.84 1.00 -0.16
C18 S8W U . -19.74 0.85 -1.19
N7 S8W U . -16.81 -0.87 -0.36
N S8W U . -22.03 -1.11 -0.72
O S8W U . -22.97 -3.19 -0.62
C S8W U . -24.37 -1.40 -1.31
S SO4 V . 4.84 14.23 -11.85
O1 SO4 V . 3.79 13.26 -12.09
O2 SO4 V . 5.95 13.99 -12.76
O3 SO4 V . 5.33 14.18 -10.46
O4 SO4 V . 4.29 15.55 -12.10
S SO4 W . 27.19 32.00 -6.04
O1 SO4 W . 26.19 31.02 -6.40
O2 SO4 W . 28.44 31.71 -6.76
O3 SO4 W . 27.42 31.92 -4.60
O4 SO4 W . 26.72 33.34 -6.38
S SO4 X . -9.16 5.65 -1.75
O1 SO4 X . -9.53 4.72 -0.67
O2 SO4 X . -9.74 5.19 -3.02
O3 SO4 X . -9.67 6.98 -1.44
O4 SO4 X . -7.70 5.66 -1.90
S SO4 Y . -13.02 9.04 0.00
O1 SO4 Y . -12.68 7.62 -0.04
O2 SO4 Y . -14.28 9.25 -0.73
O3 SO4 Y . -13.18 9.46 1.39
O4 SO4 Y . -11.97 9.83 -0.65
C1 EDO Z . 0.51 4.65 -14.09
O1 EDO Z . -0.66 5.44 -14.21
C2 EDO Z . 0.12 3.19 -14.00
O2 EDO Z . -0.86 3.04 -12.99
C1 EDO AA . 43.60 19.42 -11.31
O1 EDO AA . 44.63 20.37 -11.18
C2 EDO AA . 42.32 20.16 -11.71
O2 EDO AA . 41.91 20.91 -10.59
C1 EDO BA . 35.59 32.08 -18.94
O1 EDO BA . 35.38 31.41 -20.17
C2 EDO BA . 34.34 32.88 -18.56
O2 EDO BA . 33.61 32.16 -17.58
C1 EDO CA . 9.37 24.61 -11.28
O1 EDO CA . 10.09 24.88 -12.45
C2 EDO CA . 10.21 23.65 -10.43
O2 EDO CA . 10.09 22.35 -10.94
C1 EDO DA . 21.91 5.77 -18.00
O1 EDO DA . 21.09 6.16 -19.12
C2 EDO DA . 21.32 4.57 -17.15
O2 EDO DA . 20.52 4.91 -16.02
C1 EDO EA . 28.93 27.05 -8.91
O1 EDO EA . 28.45 28.04 -9.80
C2 EDO EA . 30.26 27.48 -8.27
O2 EDO EA . 30.11 28.74 -7.62
C1 EDO FA . 7.25 22.89 -1.62
O1 EDO FA . 8.04 24.05 -1.35
C2 EDO FA . 7.93 21.64 -1.03
O2 EDO FA . 7.17 20.50 -1.38
C1 EDO GA . 31.58 6.05 10.62
O1 EDO GA . 31.68 4.77 10.01
C2 EDO GA . 31.67 7.17 9.56
O2 EDO GA . 30.98 8.34 9.97
C1 EDO HA . 40.14 7.80 -14.87
O1 EDO HA . 39.24 6.84 -15.39
C2 EDO HA . 40.54 7.54 -13.37
O2 EDO HA . 41.27 6.33 -13.26
C1 EDO IA . -3.04 12.05 11.00
O1 EDO IA . -4.29 11.72 10.41
C2 EDO IA . -3.25 12.49 12.46
O2 EDO IA . -3.34 11.34 13.30
C1 EDO JA . 41.29 26.11 -15.98
O1 EDO JA . 40.19 26.59 -16.73
C2 EDO JA . 41.44 26.89 -14.65
O2 EDO JA . 40.20 26.91 -13.95
C1 EDO KA . 37.80 24.67 -22.34
O1 EDO KA . 38.44 24.67 -21.05
C2 EDO KA . 36.58 23.75 -22.33
O2 EDO KA . 36.71 22.74 -23.29
C1 EDO LA . 19.70 30.24 0.18
O1 EDO LA . 19.13 30.64 -1.05
C2 EDO LA . 20.20 28.80 0.08
O2 EDO LA . 19.10 27.96 -0.32
C1 EDO MA . 20.28 0.40 10.75
O1 EDO MA . 20.28 -0.06 9.40
C2 EDO MA . 18.95 -0.04 11.43
O2 EDO MA . 18.60 0.88 12.46
C1 S8W NA . 8.59 13.87 4.19
C2 S8W NA . 9.28 16.12 5.16
C3 S8W NA . 9.96 15.56 6.24
N6 S8W NA . 11.17 13.67 8.18
C7 S8W NA . 12.73 13.52 10.59
C8 S8W NA . 13.86 14.66 12.45
C9 S8W NA . 14.22 14.58 13.88
C10 S8W NA . 12.93 15.21 13.47
C11 S8W NA . 12.13 10.40 9.26
C12 S8W NA . 11.44 11.17 8.29
C13 S8W NA . 10.73 10.71 7.15
C14 S8W NA . 11.60 12.48 8.71
C15 S8W NA . 10.22 17.75 7.19
C16 S8W NA . 9.55 18.30 6.12
C19 S8W NA . 7.26 17.74 3.08
C20 S8W NA . 8.64 18.01 2.55
C21 S8W NA . 8.97 19.19 1.67
N5 S8W NA . 10.17 10.30 6.25
N4 S8W NA . 12.68 11.13 10.21
N3 S8W NA . 12.35 12.41 9.87
N2 S8W NA . 13.48 13.45 11.72
C6 S8W NA . 12.30 14.72 10.06
C5 S8W NA . 11.53 14.76 8.87
N1 S8W NA . 11.13 15.98 8.40
C4 S8W NA . 10.43 16.39 7.26
C17 S8W NA . 9.06 17.52 5.08
C18 S8W NA . 8.33 18.25 3.97
N7 S8W NA . 10.04 18.76 0.77
N S8W NA . 8.80 15.23 4.14
O S8W NA . 8.93 13.11 3.31
C S8W NA . 7.90 13.35 5.43
#